data_3P11
#
_entry.id   3P11
#
_cell.length_a   208.392
_cell.length_b   48.397
_cell.length_c   130.381
_cell.angle_alpha   90.00
_cell.angle_beta   127.71
_cell.angle_gamma   90.00
#
_symmetry.space_group_name_H-M   'C 1 2 1'
#
loop_
_entity.id
_entity.type
_entity.pdbx_description
1 polymer 'Fab DL11 heavy chain'
2 polymer 'Fab DL11 light chain'
3 polymer 'Receptor tyrosine-protein kinase erbB-3'
4 branched 2-acetamido-2-deoxy-beta-D-glucopyranose-(1-4)-2-acetamido-2-deoxy-beta-D-glucopyranose
5 non-polymer 2-acetamido-2-deoxy-beta-D-glucopyranose
#
loop_
_entity_poly.entity_id
_entity_poly.type
_entity_poly.pdbx_seq_one_letter_code
_entity_poly.pdbx_strand_id
1 'polypeptide(L)'
;EVQLVESGGGLVQPGGSLRLSCAASGFTLSGDWIHWVRQAPGKGLEWLGEISAAGGYTDYADSVKGRFTISADTSKNTAY
LQMNSLRAEDTAVYYCARESRVSFEAAMDYWGQGTLVTVSSASTKGPSVFPLAPSSKSTSGGTAALGCLVKDYFPEPVTV
SWNSGALTSGVHTFPAVLQSSGLYSLSSVVTVPSSSLGTQTYICNVNHKPSNTKVDKKVEPKSCDKTH
;
H
2 'polypeptide(L)'
;DIQMTQSPSSLSASVGDRVTITCRASQDLATDVAWYQQKPGKAPKLLIYSASFLYSGVPSRFSGSGSGTDFTLTISSLQP
EDFATYYCQQSEPEPYTFGQGTKVEIKRTVAAPSVFIFPPSDEQLKSGTASVVCLLNNFYPREAKVQWKVDNALQSGNSQ
ESVTEQDSKDSTYSLSSTLTLSKADYEKHKVYACEVTHQGLSSPVTKSFNRGEC
;
L
3 'polypeptide(L)'
;SEVGNSQAVCPGTLNGLSVTGDAENQYQTLYKLYERCEVVMGNLEIVLTGHNADLSFLQWIREVTGYVLVAMNEFSTLPL
PNLRVVRGTQVYDGKFAIFVMLNYNTNSSHALRQLRLTQLTEILSGGVYIEKNDKLCHMDTIDWRDIVRDRDAEIVVKDN
GRSCPPCHEVCKGRCWGPGSEDCQTLTKTICAPQCNGHCFGPNPNQCCHDECAGGCSGPQDTDCFACRHFNDSGACVPRC
PQPLVYNKLTFQLEPNPHTKYQYGGVCVASCPHNFVVDQTSCVRACPPDKMEVDKNGLKMCEPCGGLCPKACEGTGSGSR
FQTVDSSNIDGFVNCTKILGNLDFLITGLNGDPWHKIPALDPEKLNVFRTVREITGYLNIQSWPPHMHNFSVFSNLTTIG
GRSLYNRGFSLLIMKNLNVTSLGFRSLKEISAGRIYISANRQLCYHHSLNWTKVLRGPTEERLDIKHNRPRRDCVAEGKV
CDPLCSSGGCWGPGPGQCLSCRNYSRGGVCVTHGNSHHHHHH
;
A
#
loop_
_chem_comp.id
_chem_comp.type
_chem_comp.name
_chem_comp.formula
NAG D-saccharide, beta linking 2-acetamido-2-deoxy-beta-D-glucopyranose 'C8 H15 N O6'
#
# COMPACT_ATOMS: atom_id res chain seq x y z
N GLU A 1 -8.76 -2.24 -28.05
CA GLU A 1 -7.74 -3.03 -27.33
C GLU A 1 -8.35 -3.69 -26.07
N VAL A 2 -8.87 -2.87 -25.15
CA VAL A 2 -9.56 -3.36 -23.96
C VAL A 2 -10.90 -3.99 -24.35
N GLN A 3 -11.13 -5.24 -23.93
CA GLN A 3 -12.38 -5.95 -24.22
C GLN A 3 -12.67 -7.05 -23.22
N LEU A 4 -13.95 -7.38 -23.08
CA LEU A 4 -14.39 -8.50 -22.25
C LEU A 4 -14.95 -9.60 -23.14
N VAL A 5 -14.82 -10.84 -22.69
CA VAL A 5 -15.49 -11.95 -23.33
C VAL A 5 -16.03 -12.92 -22.31
N GLU A 6 -17.33 -13.23 -22.46
CA GLU A 6 -18.03 -14.15 -21.58
C GLU A 6 -18.23 -15.48 -22.27
N SER A 7 -18.82 -16.42 -21.54
CA SER A 7 -19.22 -17.71 -22.09
C SER A 7 -20.01 -18.52 -21.05
N GLY A 8 -20.45 -19.71 -21.46
CA GLY A 8 -21.02 -20.69 -20.54
C GLY A 8 -22.51 -20.56 -20.29
N GLY A 9 -23.14 -19.57 -20.91
CA GLY A 9 -24.58 -19.41 -20.79
C GLY A 9 -25.33 -20.37 -21.69
N GLY A 10 -26.58 -20.66 -21.33
CA GLY A 10 -27.41 -21.55 -22.11
C GLY A 10 -28.59 -22.06 -21.33
N LEU A 11 -29.16 -23.19 -21.74
CA LEU A 11 -30.32 -23.74 -21.08
C LEU A 11 -29.94 -24.40 -19.76
N VAL A 12 -30.76 -24.15 -18.74
CA VAL A 12 -30.57 -24.79 -17.44
C VAL A 12 -31.92 -25.25 -16.91
N GLN A 13 -31.90 -26.24 -16.03
CA GLN A 13 -33.11 -26.76 -15.41
C GLN A 13 -33.37 -25.94 -14.15
N PRO A 14 -34.63 -25.50 -13.93
CA PRO A 14 -34.96 -24.70 -12.75
C PRO A 14 -34.45 -25.33 -11.48
N GLY A 15 -33.94 -24.51 -10.58
CA GLY A 15 -33.32 -25.00 -9.36
C GLY A 15 -31.95 -25.61 -9.60
N GLY A 16 -31.47 -25.54 -10.84
CA GLY A 16 -30.12 -25.97 -11.18
C GLY A 16 -29.14 -24.86 -10.87
N SER A 17 -27.87 -25.11 -11.14
CA SER A 17 -26.80 -24.17 -10.81
C SER A 17 -25.84 -23.99 -11.99
N LEU A 18 -25.17 -22.83 -12.06
CA LEU A 18 -24.35 -22.50 -13.23
C LEU A 18 -23.24 -21.45 -12.93
N ARG A 19 -22.12 -21.58 -13.65
CA ARG A 19 -20.97 -20.68 -13.52
C ARG A 19 -20.66 -19.97 -14.83
N LEU A 20 -20.83 -18.65 -14.85
CA LEU A 20 -20.47 -17.86 -16.02
C LEU A 20 -19.03 -17.43 -15.97
N SER A 21 -18.43 -17.25 -17.15
CA SER A 21 -17.05 -16.82 -17.28
C SER A 21 -17.03 -15.43 -17.89
N CYS A 22 -16.11 -14.58 -17.43
CA CYS A 22 -15.91 -13.28 -18.03
C CYS A 22 -14.41 -13.06 -18.13
N ALA A 23 -13.87 -13.36 -19.30
CA ALA A 23 -12.43 -13.34 -19.54
C ALA A 23 -11.95 -11.95 -19.95
N ALA A 24 -11.15 -11.31 -19.10
CA ALA A 24 -10.68 -9.95 -19.34
C ALA A 24 -9.56 -9.94 -20.37
N SER A 25 -9.39 -8.79 -21.02
CA SER A 25 -8.36 -8.64 -22.04
C SER A 25 -8.06 -7.15 -22.29
N GLY A 26 -6.78 -6.80 -22.29
CA GLY A 26 -6.34 -5.43 -22.55
C GLY A 26 -6.06 -4.59 -21.31
N PHE A 27 -6.24 -5.16 -20.12
CA PHE A 27 -5.91 -4.47 -18.86
C PHE A 27 -5.76 -5.46 -17.69
N THR A 28 -5.41 -4.93 -16.52
CA THR A 28 -5.25 -5.73 -15.32
C THR A 28 -6.45 -5.54 -14.42
N LEU A 29 -7.10 -6.64 -14.07
CA LEU A 29 -8.23 -6.61 -13.14
C LEU A 29 -7.79 -6.02 -11.84
N SER A 30 -6.74 -6.61 -11.28
CA SER A 30 -6.19 -6.15 -10.04
C SER A 30 -6.48 -4.67 -9.81
N GLY A 31 -7.31 -4.39 -8.81
CA GLY A 31 -7.71 -3.02 -8.51
C GLY A 31 -9.02 -2.62 -9.19
N ASP A 32 -9.22 -3.04 -10.44
CA ASP A 32 -10.45 -2.68 -11.16
C ASP A 32 -11.63 -3.46 -10.59
N TRP A 33 -12.80 -2.85 -10.69
CA TRP A 33 -14.04 -3.43 -10.18
C TRP A 33 -14.82 -4.02 -11.33
N ILE A 34 -15.14 -5.30 -11.24
CA ILE A 34 -15.96 -5.94 -12.24
C ILE A 34 -17.36 -6.10 -11.68
N HIS A 35 -18.34 -5.68 -12.46
CA HIS A 35 -19.73 -5.81 -12.08
C HIS A 35 -20.40 -6.78 -13.03
N TRP A 36 -21.50 -7.35 -12.59
CA TRP A 36 -22.35 -8.15 -13.47
C TRP A 36 -23.74 -7.55 -13.51
N VAL A 37 -24.26 -7.41 -14.71
CA VAL A 37 -25.62 -6.96 -14.87
C VAL A 37 -26.34 -7.90 -15.81
N ARG A 38 -27.66 -8.00 -15.65
CA ARG A 38 -28.44 -8.88 -16.48
C ARG A 38 -29.62 -8.13 -17.02
N GLN A 39 -30.29 -8.68 -18.03
CA GLN A 39 -31.39 -8.01 -18.69
C GLN A 39 -32.35 -9.00 -19.31
N ALA A 40 -33.60 -8.96 -18.87
CA ALA A 40 -34.64 -9.85 -19.40
C ALA A 40 -34.94 -9.46 -20.84
N PRO A 41 -35.13 -10.46 -21.72
CA PRO A 41 -35.14 -10.19 -23.15
C PRO A 41 -36.14 -9.11 -23.59
N GLY A 42 -37.11 -8.78 -22.73
CA GLY A 42 -37.98 -7.63 -22.97
C GLY A 42 -37.55 -6.40 -22.19
N LYS A 43 -37.42 -6.55 -20.89
CA LYS A 43 -37.27 -5.41 -19.97
C LYS A 43 -35.86 -4.82 -19.98
N GLY A 44 -35.60 -3.90 -19.05
CA GLY A 44 -34.31 -3.25 -18.94
C GLY A 44 -33.30 -3.99 -18.08
N LEU A 45 -32.38 -3.22 -17.52
CA LEU A 45 -31.19 -3.73 -16.84
C LEU A 45 -31.36 -3.83 -15.34
N GLU A 46 -30.70 -4.81 -14.73
CA GLU A 46 -30.64 -4.97 -13.29
C GLU A 46 -29.23 -5.31 -12.87
N TRP A 47 -28.72 -4.55 -11.89
CA TRP A 47 -27.41 -4.79 -11.31
C TRP A 47 -27.45 -6.00 -10.38
N LEU A 48 -26.38 -6.78 -10.36
CA LEU A 48 -26.35 -8.01 -9.59
C LEU A 48 -25.31 -8.01 -8.46
N GLY A 49 -24.05 -7.84 -8.83
CA GLY A 49 -22.95 -7.93 -7.87
C GLY A 49 -21.73 -7.18 -8.36
N GLU A 50 -20.69 -7.15 -7.54
CA GLU A 50 -19.47 -6.43 -7.89
C GLU A 50 -18.31 -7.10 -7.21
N ILE A 51 -17.10 -6.75 -7.62
CA ILE A 51 -15.91 -7.37 -7.04
C ILE A 51 -14.61 -6.63 -7.36
N SER A 52 -13.94 -6.10 -6.34
CA SER A 52 -12.57 -5.62 -6.52
C SER A 52 -11.67 -6.83 -6.62
N ALA A 53 -10.71 -6.76 -7.51
CA ALA A 53 -9.78 -7.85 -7.73
C ALA A 53 -8.68 -7.89 -6.68
N ALA A 54 -8.45 -6.78 -5.99
CA ALA A 54 -7.36 -6.70 -5.02
C ALA A 54 -7.69 -7.48 -3.75
N GLY A 55 -8.62 -6.95 -2.97
CA GLY A 55 -8.99 -7.56 -1.69
C GLY A 55 -10.10 -8.57 -1.80
N GLY A 56 -10.73 -8.67 -2.96
CA GLY A 56 -11.78 -9.65 -3.19
C GLY A 56 -13.08 -9.34 -2.47
N TYR A 57 -13.42 -8.06 -2.34
CA TYR A 57 -14.69 -7.67 -1.74
C TYR A 57 -15.81 -8.02 -2.68
N THR A 58 -17.01 -8.22 -2.14
CA THR A 58 -18.18 -8.50 -2.96
C THR A 58 -19.43 -7.95 -2.29
N ASP A 59 -20.24 -7.25 -3.06
CA ASP A 59 -21.58 -6.90 -2.62
C ASP A 59 -22.53 -7.64 -3.53
N TYR A 60 -23.82 -7.62 -3.17
CA TYR A 60 -24.83 -8.25 -4.00
C TYR A 60 -26.17 -7.54 -3.94
N ALA A 61 -26.97 -7.73 -4.98
CA ALA A 61 -28.32 -7.21 -5.01
C ALA A 61 -29.13 -8.12 -4.13
N ASP A 62 -30.00 -7.54 -3.30
CA ASP A 62 -30.87 -8.33 -2.46
C ASP A 62 -31.68 -9.32 -3.29
N SER A 63 -32.10 -8.90 -4.48
CA SER A 63 -32.76 -9.78 -5.46
C SER A 63 -32.01 -11.09 -5.74
N VAL A 64 -30.82 -11.22 -5.18
CA VAL A 64 -29.90 -12.30 -5.53
C VAL A 64 -28.99 -12.69 -4.34
N LYS A 65 -28.90 -11.80 -3.36
CA LYS A 65 -27.94 -11.91 -2.25
C LYS A 65 -27.98 -13.25 -1.52
N GLY A 66 -27.05 -14.14 -1.89
CA GLY A 66 -26.94 -15.45 -1.23
C GLY A 66 -27.03 -16.64 -2.18
N ARG A 67 -28.00 -16.60 -3.09
CA ARG A 67 -28.14 -17.64 -4.11
C ARG A 67 -26.97 -17.54 -5.09
N PHE A 68 -26.52 -16.31 -5.32
CA PHE A 68 -25.44 -16.02 -6.25
C PHE A 68 -24.16 -15.70 -5.49
N THR A 69 -23.03 -15.98 -6.12
CA THR A 69 -21.73 -15.66 -5.53
C THR A 69 -20.71 -15.35 -6.60
N ILE A 70 -20.34 -14.07 -6.65
CA ILE A 70 -19.45 -13.56 -7.67
C ILE A 70 -18.04 -13.74 -7.15
N SER A 71 -17.17 -14.30 -7.99
CA SER A 71 -15.76 -14.44 -7.65
C SER A 71 -14.89 -14.20 -8.86
N ALA A 72 -13.59 -14.29 -8.65
CA ALA A 72 -12.63 -14.16 -9.73
C ALA A 72 -11.35 -14.89 -9.38
N ASP A 73 -10.42 -14.96 -10.34
CA ASP A 73 -9.10 -15.48 -10.08
C ASP A 73 -8.04 -14.62 -10.77
N THR A 74 -7.24 -13.95 -9.93
CA THR A 74 -6.34 -12.88 -10.35
C THR A 74 -5.27 -13.28 -11.36
N SER A 75 -4.61 -14.41 -11.12
CA SER A 75 -3.54 -14.88 -12.01
C SER A 75 -4.08 -15.21 -13.41
N LYS A 76 -5.35 -15.56 -13.48
CA LYS A 76 -6.01 -15.99 -14.72
C LYS A 76 -6.65 -14.82 -15.49
N ASN A 77 -7.02 -13.76 -14.76
CA ASN A 77 -7.60 -12.54 -15.35
C ASN A 77 -9.00 -12.77 -15.91
N THR A 78 -9.90 -13.21 -15.03
CA THR A 78 -11.24 -13.62 -15.41
C THR A 78 -12.17 -13.56 -14.20
N ALA A 79 -13.41 -13.14 -14.40
CA ALA A 79 -14.39 -13.09 -13.32
C ALA A 79 -15.40 -14.22 -13.48
N TYR A 80 -16.21 -14.44 -12.44
CA TYR A 80 -17.13 -15.57 -12.43
C TYR A 80 -18.42 -15.28 -11.69
N LEU A 81 -19.52 -15.74 -12.27
CA LEU A 81 -20.81 -15.70 -11.61
C LEU A 81 -21.25 -17.12 -11.34
N GLN A 82 -21.46 -17.43 -10.07
CA GLN A 82 -22.03 -18.71 -9.68
C GLN A 82 -23.51 -18.48 -9.41
N MET A 83 -24.34 -19.19 -10.17
CA MET A 83 -25.80 -18.97 -10.16
C MET A 83 -26.56 -20.19 -9.64
N ASN A 84 -26.70 -20.29 -8.32
CA ASN A 84 -27.38 -21.41 -7.68
C ASN A 84 -28.87 -21.14 -7.47
N SER A 85 -29.65 -22.22 -7.51
CA SER A 85 -31.09 -22.20 -7.23
C SER A 85 -31.85 -21.31 -8.24
N LEU A 86 -31.72 -21.67 -9.51
CA LEU A 86 -32.19 -20.82 -10.60
C LEU A 86 -33.70 -20.89 -10.80
N ARG A 87 -34.34 -19.73 -10.78
CA ARG A 87 -35.78 -19.61 -11.03
C ARG A 87 -36.02 -19.24 -12.50
N ALA A 88 -37.23 -19.48 -12.99
CA ALA A 88 -37.57 -19.10 -14.36
C ALA A 88 -37.40 -17.59 -14.59
N GLU A 89 -37.65 -16.79 -13.56
CA GLU A 89 -37.43 -15.35 -13.62
C GLU A 89 -35.95 -14.96 -13.66
N ASP A 90 -35.06 -15.95 -13.65
CA ASP A 90 -33.63 -15.69 -13.86
C ASP A 90 -33.27 -15.64 -15.34
N THR A 91 -34.18 -16.12 -16.20
CA THR A 91 -33.96 -16.07 -17.64
C THR A 91 -33.69 -14.63 -18.10
N ALA A 92 -32.45 -14.36 -18.47
CA ALA A 92 -32.04 -13.06 -18.99
C ALA A 92 -30.64 -13.10 -19.58
N VAL A 93 -30.29 -12.06 -20.32
CA VAL A 93 -28.93 -11.91 -20.85
C VAL A 93 -28.09 -11.31 -19.74
N TYR A 94 -26.96 -11.95 -19.44
CA TYR A 94 -26.09 -11.47 -18.36
C TYR A 94 -24.84 -10.86 -18.97
N TYR A 95 -24.51 -9.63 -18.59
CA TYR A 95 -23.26 -8.99 -19.00
C TYR A 95 -22.39 -8.76 -17.79
N CYS A 96 -21.10 -9.03 -17.92
CA CYS A 96 -20.13 -8.53 -16.97
C CYS A 96 -19.72 -7.18 -17.52
N ALA A 97 -19.16 -6.31 -16.69
CA ALA A 97 -18.80 -4.96 -17.13
C ALA A 97 -17.98 -4.27 -16.08
N ARG A 98 -16.84 -3.70 -16.47
CA ARG A 98 -15.92 -3.10 -15.50
C ARG A 98 -16.25 -1.64 -15.24
N GLU A 99 -15.76 -1.13 -14.11
CA GLU A 99 -16.13 0.19 -13.61
C GLU A 99 -15.20 1.25 -14.15
N SER A 100 -15.72 2.47 -14.24
CA SER A 100 -14.95 3.58 -14.78
C SER A 100 -13.84 3.99 -13.85
N ARG A 101 -12.84 4.64 -14.45
CA ARG A 101 -11.65 5.09 -13.77
C ARG A 101 -11.84 6.51 -13.27
N VAL A 102 -12.47 7.35 -14.09
CA VAL A 102 -12.70 8.73 -13.73
C VAL A 102 -13.92 8.89 -12.83
N SER A 103 -13.64 8.97 -11.53
CA SER A 103 -14.61 9.40 -10.50
C SER A 103 -15.14 8.26 -9.62
N PHE A 104 -15.44 8.61 -8.38
CA PHE A 104 -15.96 7.69 -7.38
C PHE A 104 -17.22 6.97 -7.85
N GLU A 105 -17.82 7.43 -8.95
CA GLU A 105 -18.95 6.74 -9.59
C GLU A 105 -18.67 5.28 -9.95
N ALA A 106 -19.76 4.56 -10.25
CA ALA A 106 -19.71 3.20 -10.77
C ALA A 106 -20.25 3.17 -12.20
N ALA A 107 -19.82 4.13 -13.01
CA ALA A 107 -20.13 4.11 -14.42
C ALA A 107 -19.31 2.98 -15.02
N MET A 108 -19.95 2.13 -15.82
CA MET A 108 -19.25 1.02 -16.42
C MET A 108 -18.91 1.35 -17.86
N ASP A 109 -17.61 1.37 -18.15
CA ASP A 109 -17.13 1.86 -19.43
C ASP A 109 -16.71 0.79 -20.44
N TYR A 110 -16.50 -0.45 -20.00
CA TYR A 110 -16.26 -1.56 -20.92
C TYR A 110 -17.12 -2.77 -20.56
N TRP A 111 -17.78 -3.33 -21.57
CA TRP A 111 -18.82 -4.33 -21.37
C TRP A 111 -18.57 -5.57 -22.20
N GLY A 112 -18.90 -6.74 -21.67
CA GLY A 112 -18.91 -7.98 -22.45
C GLY A 112 -20.01 -7.97 -23.48
N GLN A 113 -19.97 -8.91 -24.42
CA GLN A 113 -20.94 -8.96 -25.52
C GLN A 113 -22.31 -9.48 -25.08
N GLY A 114 -22.32 -10.25 -23.99
CA GLY A 114 -23.53 -10.82 -23.45
C GLY A 114 -23.46 -12.33 -23.53
N THR A 115 -24.16 -12.99 -22.62
CA THR A 115 -24.29 -14.43 -22.62
C THR A 115 -25.67 -14.77 -22.08
N LEU A 116 -26.36 -15.70 -22.75
CA LEU A 116 -27.77 -15.94 -22.52
C LEU A 116 -28.02 -17.16 -21.67
N VAL A 117 -28.84 -16.98 -20.63
CA VAL A 117 -29.21 -18.07 -19.76
C VAL A 117 -30.71 -18.27 -19.80
N THR A 118 -31.16 -19.35 -20.42
CA THR A 118 -32.56 -19.74 -20.38
C THR A 118 -32.72 -20.80 -19.29
N VAL A 119 -33.69 -20.60 -18.41
CA VAL A 119 -33.94 -21.55 -17.31
C VAL A 119 -35.39 -22.02 -17.34
N SER A 120 -35.62 -23.14 -18.02
CA SER A 120 -36.93 -23.78 -18.05
C SER A 120 -36.79 -25.30 -18.16
N SER A 121 -37.83 -26.02 -17.75
CA SER A 121 -37.79 -27.47 -17.73
C SER A 121 -38.00 -28.09 -19.11
N ALA A 122 -38.13 -27.26 -20.15
CA ALA A 122 -38.30 -27.76 -21.51
C ALA A 122 -36.99 -28.32 -22.03
N SER A 123 -37.08 -29.22 -23.00
CA SER A 123 -35.90 -29.92 -23.52
C SER A 123 -35.27 -29.15 -24.67
N THR A 124 -33.96 -29.31 -24.82
CA THR A 124 -33.21 -28.75 -25.95
C THR A 124 -33.67 -29.39 -27.27
N LYS A 125 -33.91 -28.55 -28.29
CA LYS A 125 -34.47 -29.02 -29.57
C LYS A 125 -33.80 -28.44 -30.83
N GLY A 126 -33.60 -29.33 -31.81
CA GLY A 126 -32.95 -28.99 -33.07
C GLY A 126 -33.85 -28.22 -34.02
N PRO A 127 -33.31 -27.16 -34.63
CA PRO A 127 -34.05 -26.31 -35.56
C PRO A 127 -34.23 -26.93 -36.93
N SER A 128 -35.39 -26.67 -37.54
CA SER A 128 -35.64 -27.05 -38.92
C SER A 128 -35.40 -25.83 -39.79
N VAL A 129 -34.50 -25.97 -40.76
CA VAL A 129 -34.29 -24.93 -41.75
C VAL A 129 -35.05 -25.32 -42.99
N PHE A 130 -35.73 -24.35 -43.59
CA PHE A 130 -36.42 -24.56 -44.85
C PHE A 130 -36.16 -23.37 -45.80
N PRO A 131 -35.99 -23.66 -47.10
CA PRO A 131 -35.75 -22.62 -48.09
C PRO A 131 -36.99 -21.87 -48.52
N LEU A 132 -36.91 -20.54 -48.49
CA LEU A 132 -37.89 -19.66 -49.10
C LEU A 132 -37.28 -19.15 -50.39
N ALA A 133 -37.91 -19.48 -51.52
CA ALA A 133 -37.31 -19.24 -52.83
C ALA A 133 -38.01 -18.14 -53.62
N PRO A 134 -37.26 -17.44 -54.51
CA PRO A 134 -37.70 -16.31 -55.34
C PRO A 134 -38.52 -16.69 -56.59
N SER A 135 -38.70 -15.72 -57.50
CA SER A 135 -39.36 -15.92 -58.82
C SER A 135 -40.89 -15.82 -58.73
N SER A 136 -41.48 -16.65 -57.89
CA SER A 136 -42.94 -16.64 -57.68
C SER A 136 -43.37 -15.47 -56.79
N GLY A 142 -36.72 -6.51 -61.53
CA GLY A 142 -35.76 -5.66 -60.84
C GLY A 142 -34.91 -6.43 -59.83
N THR A 143 -35.44 -6.57 -58.62
CA THR A 143 -34.74 -7.21 -57.52
C THR A 143 -35.58 -8.33 -56.91
N ALA A 144 -34.92 -9.45 -56.60
CA ALA A 144 -35.60 -10.66 -56.13
C ALA A 144 -35.22 -10.95 -54.70
N ALA A 145 -36.16 -11.51 -53.94
CA ALA A 145 -35.96 -11.84 -52.53
C ALA A 145 -35.95 -13.35 -52.34
N LEU A 146 -35.02 -13.84 -51.53
CA LEU A 146 -34.97 -15.26 -51.16
C LEU A 146 -34.63 -15.36 -49.69
N GLY A 147 -34.84 -16.52 -49.09
CA GLY A 147 -34.61 -16.65 -47.65
C GLY A 147 -34.50 -18.05 -47.08
N CYS A 148 -34.28 -18.07 -45.77
CA CYS A 148 -34.32 -19.28 -44.96
C CYS A 148 -35.41 -19.16 -43.91
N LEU A 149 -35.85 -20.31 -43.41
CA LEU A 149 -36.87 -20.40 -42.37
C LEU A 149 -36.40 -21.30 -41.25
N VAL A 150 -35.91 -20.70 -40.17
CA VAL A 150 -35.45 -21.42 -38.99
C VAL A 150 -36.63 -21.66 -38.08
N LYS A 151 -37.05 -22.91 -37.93
CA LYS A 151 -38.34 -23.21 -37.31
C LYS A 151 -38.26 -24.33 -36.28
N ASP A 152 -38.90 -24.09 -35.14
CA ASP A 152 -39.01 -25.07 -34.07
C ASP A 152 -37.67 -25.46 -33.50
N TYR A 153 -37.20 -24.65 -32.56
CA TYR A 153 -35.94 -24.88 -31.87
C TYR A 153 -36.00 -24.31 -30.46
N PHE A 154 -35.35 -24.99 -29.52
CA PHE A 154 -35.28 -24.49 -28.16
C PHE A 154 -33.91 -24.78 -27.55
N PRO A 155 -33.35 -23.82 -26.79
CA PRO A 155 -33.82 -22.45 -26.54
C PRO A 155 -33.19 -21.49 -27.51
N GLU A 156 -33.60 -20.23 -27.47
CA GLU A 156 -32.83 -19.19 -28.10
C GLU A 156 -31.40 -19.36 -27.62
N PRO A 157 -30.41 -18.86 -28.38
CA PRO A 157 -30.52 -18.12 -29.60
C PRO A 157 -29.96 -18.89 -30.78
N VAL A 158 -30.15 -18.32 -31.97
CA VAL A 158 -29.74 -18.94 -33.23
C VAL A 158 -28.96 -17.94 -34.08
N THR A 159 -28.02 -18.45 -34.87
CA THR A 159 -27.08 -17.63 -35.65
C THR A 159 -27.23 -17.91 -37.14
N VAL A 160 -27.77 -16.95 -37.89
CA VAL A 160 -27.95 -17.12 -39.33
C VAL A 160 -27.05 -16.19 -40.13
N SER A 161 -26.13 -16.78 -40.88
CA SER A 161 -25.18 -16.05 -41.71
C SER A 161 -25.36 -16.51 -43.15
N TRP A 162 -25.03 -15.65 -44.11
CA TRP A 162 -25.18 -16.00 -45.53
C TRP A 162 -23.85 -16.15 -46.26
N ASN A 163 -23.66 -17.30 -46.92
CA ASN A 163 -22.44 -17.62 -47.66
C ASN A 163 -21.21 -17.44 -46.79
N SER A 164 -21.29 -17.94 -45.57
CA SER A 164 -20.20 -17.86 -44.62
C SER A 164 -19.66 -16.44 -44.45
N GLY A 165 -20.54 -15.45 -44.56
CA GLY A 165 -20.21 -14.08 -44.22
C GLY A 165 -19.93 -13.21 -45.41
N ALA A 166 -19.96 -13.78 -46.61
CA ALA A 166 -19.70 -13.00 -47.81
C ALA A 166 -20.79 -11.97 -48.01
N LEU A 167 -22.02 -12.40 -47.75
CA LEU A 167 -23.19 -11.57 -47.97
C LEU A 167 -23.66 -10.98 -46.65
N THR A 168 -23.78 -9.66 -46.64
CA THR A 168 -24.26 -8.92 -45.48
C THR A 168 -25.20 -7.76 -45.88
N SER A 169 -25.12 -7.27 -47.12
CA SER A 169 -25.96 -6.17 -47.58
C SER A 169 -27.39 -6.64 -47.82
N GLY A 170 -28.34 -5.96 -47.17
CA GLY A 170 -29.77 -6.23 -47.35
C GLY A 170 -30.24 -7.53 -46.74
N VAL A 171 -29.47 -8.05 -45.78
CA VAL A 171 -29.81 -9.27 -45.06
C VAL A 171 -30.65 -8.94 -43.84
N HIS A 172 -31.83 -9.50 -43.82
CA HIS A 172 -32.71 -9.36 -42.70
C HIS A 172 -32.91 -10.72 -42.03
N THR A 173 -32.46 -10.83 -40.80
CA THR A 173 -32.79 -11.98 -39.96
C THR A 173 -33.72 -11.46 -38.88
N PHE A 174 -35.00 -11.77 -38.97
CA PHE A 174 -35.99 -11.22 -38.04
C PHE A 174 -35.88 -11.82 -36.63
N PRO A 175 -36.36 -11.10 -35.61
CA PRO A 175 -36.51 -11.65 -34.29
C PRO A 175 -37.22 -12.98 -34.31
N ALA A 176 -36.89 -13.84 -33.35
CA ALA A 176 -37.64 -15.07 -33.17
C ALA A 176 -39.01 -14.70 -32.61
N VAL A 177 -39.94 -15.64 -32.71
CA VAL A 177 -41.23 -15.47 -32.09
C VAL A 177 -41.64 -16.77 -31.42
N LEU A 178 -42.09 -16.68 -30.18
CA LEU A 178 -42.48 -17.84 -29.41
C LEU A 178 -43.82 -18.29 -29.93
N GLN A 179 -43.87 -19.51 -30.46
CA GLN A 179 -45.11 -20.05 -31.05
C GLN A 179 -46.11 -20.54 -30.01
N SER A 180 -47.29 -20.90 -30.48
CA SER A 180 -48.28 -21.61 -29.69
C SER A 180 -47.64 -22.82 -29.01
N SER A 181 -46.89 -23.60 -29.80
CA SER A 181 -46.27 -24.83 -29.33
C SER A 181 -45.17 -24.61 -28.31
N GLY A 182 -44.86 -23.35 -28.01
CA GLY A 182 -43.77 -23.00 -27.10
C GLY A 182 -42.43 -23.15 -27.78
N LEU A 183 -42.46 -23.29 -29.12
CA LEU A 183 -41.25 -23.42 -29.90
C LEU A 183 -41.04 -22.15 -30.72
N TYR A 184 -39.77 -21.82 -30.92
CA TYR A 184 -39.39 -20.55 -31.51
C TYR A 184 -39.25 -20.71 -33.00
N SER A 185 -39.38 -19.58 -33.71
CA SER A 185 -39.16 -19.53 -35.15
C SER A 185 -38.80 -18.14 -35.64
N LEU A 186 -38.08 -18.09 -36.77
CA LEU A 186 -37.76 -16.83 -37.41
C LEU A 186 -37.43 -17.04 -38.88
N SER A 187 -37.68 -16.00 -39.67
CA SER A 187 -37.29 -15.95 -41.08
C SER A 187 -36.00 -15.20 -41.18
N SER A 188 -35.15 -15.58 -42.14
CA SER A 188 -34.02 -14.73 -42.52
C SER A 188 -34.02 -14.57 -44.02
N VAL A 189 -34.06 -13.32 -44.46
CA VAL A 189 -34.34 -13.02 -45.83
C VAL A 189 -33.24 -12.08 -46.31
N VAL A 190 -32.88 -12.18 -47.58
CA VAL A 190 -31.98 -11.22 -48.22
C VAL A 190 -32.47 -10.93 -49.63
N THR A 191 -32.25 -9.71 -50.11
CA THR A 191 -32.64 -9.34 -51.47
C THR A 191 -31.42 -9.33 -52.40
N VAL A 192 -31.54 -9.97 -53.56
CA VAL A 192 -30.47 -10.00 -54.54
C VAL A 192 -31.02 -9.73 -55.94
N PRO A 193 -30.20 -9.16 -56.84
CA PRO A 193 -30.68 -8.77 -58.16
C PRO A 193 -31.05 -9.96 -59.03
N SER A 194 -32.20 -9.87 -59.71
CA SER A 194 -32.70 -10.97 -60.53
C SER A 194 -31.58 -11.57 -61.36
N SER A 195 -30.91 -10.73 -62.14
CA SER A 195 -29.84 -11.19 -63.03
C SER A 195 -28.83 -12.13 -62.34
N SER A 196 -28.66 -11.97 -61.02
CA SER A 196 -27.68 -12.75 -60.26
C SER A 196 -28.11 -14.19 -59.98
N LEU A 197 -29.41 -14.45 -60.00
CA LEU A 197 -29.95 -15.78 -59.73
C LEU A 197 -29.48 -16.80 -60.76
N GLY A 198 -29.20 -18.02 -60.32
CA GLY A 198 -28.74 -19.09 -61.20
C GLY A 198 -27.23 -19.12 -61.38
N THR A 199 -26.62 -17.96 -61.63
CA THR A 199 -25.16 -17.85 -61.69
C THR A 199 -24.57 -17.77 -60.27
N GLN A 200 -25.18 -16.96 -59.40
CA GLN A 200 -24.74 -16.92 -58.01
C GLN A 200 -25.38 -18.05 -57.22
N THR A 201 -24.58 -18.67 -56.37
CA THR A 201 -25.09 -19.65 -55.40
C THR A 201 -25.33 -18.92 -54.09
N TYR A 202 -26.46 -19.22 -53.45
CA TYR A 202 -26.80 -18.65 -52.16
C TYR A 202 -27.07 -19.76 -51.16
N ILE A 203 -26.47 -19.65 -49.98
CA ILE A 203 -26.65 -20.63 -48.90
C ILE A 203 -26.78 -19.87 -47.61
N CYS A 204 -27.64 -20.36 -46.70
CA CYS A 204 -27.70 -19.80 -45.35
C CYS A 204 -27.05 -20.74 -44.35
N ASN A 205 -26.14 -20.18 -43.53
CA ASN A 205 -25.42 -20.92 -42.52
C ASN A 205 -26.13 -20.74 -41.18
N VAL A 206 -26.74 -21.80 -40.67
CA VAL A 206 -27.40 -21.76 -39.35
C VAL A 206 -26.49 -22.39 -38.29
N ASN A 207 -26.52 -21.83 -37.08
CA ASN A 207 -25.86 -22.46 -35.92
C ASN A 207 -26.73 -22.38 -34.69
N HIS A 208 -26.95 -23.55 -34.09
CA HIS A 208 -27.72 -23.67 -32.86
C HIS A 208 -26.92 -24.52 -31.87
N LYS A 209 -26.00 -23.85 -31.16
CA LYS A 209 -25.14 -24.48 -30.17
C LYS A 209 -25.85 -25.19 -29.02
N PRO A 210 -27.05 -24.72 -28.63
CA PRO A 210 -27.79 -25.45 -27.61
C PRO A 210 -28.10 -26.91 -27.97
N SER A 211 -28.42 -27.17 -29.23
CA SER A 211 -28.63 -28.55 -29.71
C SER A 211 -27.54 -29.01 -30.68
N ASN A 212 -26.46 -28.23 -30.75
CA ASN A 212 -25.29 -28.56 -31.57
C ASN A 212 -25.65 -28.79 -33.04
N THR A 213 -26.41 -27.85 -33.59
CA THR A 213 -26.89 -27.94 -34.96
C THR A 213 -26.10 -27.02 -35.87
N LYS A 214 -25.56 -27.58 -36.95
CA LYS A 214 -24.80 -26.83 -37.96
C LYS A 214 -25.35 -27.16 -39.35
N VAL A 215 -26.43 -26.48 -39.71
CA VAL A 215 -27.08 -26.66 -41.00
C VAL A 215 -26.56 -25.63 -42.00
N ASP A 216 -26.28 -26.08 -43.22
CA ASP A 216 -26.06 -25.17 -44.33
C ASP A 216 -27.02 -25.56 -45.44
N LYS A 217 -28.07 -24.76 -45.63
CA LYS A 217 -29.13 -25.08 -46.59
C LYS A 217 -28.97 -24.19 -47.82
N LYS A 218 -29.08 -24.81 -49.00
CA LYS A 218 -28.99 -24.09 -50.26
C LYS A 218 -30.39 -23.66 -50.72
N VAL A 219 -30.55 -22.38 -51.02
CA VAL A 219 -31.81 -21.84 -51.58
C VAL A 219 -31.60 -21.44 -53.04
N GLU A 220 -32.22 -22.17 -53.96
CA GLU A 220 -32.26 -21.77 -55.36
C GLU A 220 -33.73 -21.55 -55.71
N PRO A 221 -34.03 -21.06 -56.93
CA PRO A 221 -35.41 -21.08 -57.40
C PRO A 221 -35.76 -22.46 -57.92
N LYS A 222 -37.04 -22.72 -58.14
CA LYS A 222 -37.50 -24.06 -58.57
C LYS A 222 -37.96 -24.09 -60.05
N SER A 223 -38.13 -25.30 -60.57
CA SER A 223 -38.57 -25.51 -61.95
C SER A 223 -40.09 -25.48 -62.05
N ASP B 1 -34.22 1.82 -0.57
CA ASP B 1 -33.78 1.45 -1.95
C ASP B 1 -34.26 2.51 -2.94
N ILE B 2 -33.38 2.93 -3.84
CA ILE B 2 -33.64 4.09 -4.71
C ILE B 2 -34.46 3.73 -5.94
N GLN B 3 -35.36 4.63 -6.32
CA GLN B 3 -36.08 4.54 -7.59
C GLN B 3 -35.55 5.52 -8.61
N MET B 4 -35.47 5.07 -9.85
CA MET B 4 -35.25 5.95 -11.00
C MET B 4 -36.49 5.86 -11.88
N THR B 5 -37.03 7.01 -12.24
CA THR B 5 -38.16 7.05 -13.14
C THR B 5 -37.82 7.90 -14.35
N GLN B 6 -37.90 7.26 -15.51
CA GLN B 6 -37.36 7.80 -16.75
C GLN B 6 -38.51 8.04 -17.71
N SER B 7 -38.57 9.23 -18.27
CA SER B 7 -39.74 9.67 -19.05
C SER B 7 -39.35 10.34 -20.36
N PRO B 8 -39.94 9.92 -21.49
CA PRO B 8 -40.96 8.88 -21.71
C PRO B 8 -40.42 7.50 -22.08
N SER B 9 -41.31 6.53 -22.18
CA SER B 9 -40.93 5.14 -22.45
C SER B 9 -40.35 4.97 -23.85
N SER B 10 -41.06 5.48 -24.86
CA SER B 10 -40.54 5.53 -26.24
C SER B 10 -40.73 6.92 -26.80
N LEU B 11 -39.98 7.27 -27.84
CA LEU B 11 -40.19 8.55 -28.52
C LEU B 11 -39.71 8.55 -29.97
N SER B 12 -40.45 9.28 -30.81
CA SER B 12 -40.11 9.45 -32.22
C SER B 12 -39.67 10.90 -32.47
N ALA B 13 -38.81 11.09 -33.46
CA ALA B 13 -38.28 12.42 -33.80
C ALA B 13 -37.57 12.43 -35.15
N SER B 14 -37.65 13.55 -35.88
CA SER B 14 -37.04 13.67 -37.21
C SER B 14 -35.53 13.83 -37.12
N VAL B 15 -34.84 13.64 -38.25
CA VAL B 15 -33.39 13.77 -38.29
C VAL B 15 -33.03 15.24 -38.23
N GLY B 16 -32.14 15.59 -37.31
CA GLY B 16 -31.83 16.98 -37.03
C GLY B 16 -32.53 17.51 -35.78
N ASP B 17 -33.68 16.95 -35.44
CA ASP B 17 -34.46 17.39 -34.28
C ASP B 17 -33.67 17.32 -32.99
N ARG B 18 -34.16 18.06 -32.00
CA ARG B 18 -33.64 18.00 -30.64
C ARG B 18 -34.51 17.06 -29.83
N VAL B 19 -33.88 16.32 -28.95
CA VAL B 19 -34.58 15.33 -28.17
C VAL B 19 -34.10 15.39 -26.72
N THR B 20 -35.04 15.30 -25.79
CA THR B 20 -34.77 15.51 -24.37
C THR B 20 -35.36 14.40 -23.51
N ILE B 21 -34.50 13.67 -22.81
CA ILE B 21 -34.96 12.59 -21.94
C ILE B 21 -34.79 12.99 -20.48
N THR B 22 -35.69 12.50 -19.63
CA THR B 22 -35.74 12.90 -18.24
C THR B 22 -35.66 11.70 -17.30
N CYS B 23 -34.76 11.78 -16.31
CA CYS B 23 -34.77 10.84 -15.20
C CYS B 23 -35.07 11.62 -13.94
N ARG B 24 -35.96 11.08 -13.10
CA ARG B 24 -36.27 11.70 -11.80
C ARG B 24 -36.06 10.66 -10.69
N ALA B 25 -35.26 11.03 -9.69
CA ALA B 25 -34.82 10.10 -8.65
C ALA B 25 -35.63 10.24 -7.37
N SER B 26 -35.72 9.15 -6.61
CA SER B 26 -36.53 9.13 -5.38
C SER B 26 -35.87 9.94 -4.27
N GLN B 27 -34.53 9.97 -4.27
CA GLN B 27 -33.77 10.69 -3.25
C GLN B 27 -32.67 11.56 -3.86
N ASP B 28 -32.37 12.70 -3.23
CA ASP B 28 -31.32 13.61 -3.68
C ASP B 28 -30.05 12.85 -4.04
N LEU B 29 -29.75 12.80 -5.33
CA LEU B 29 -28.55 12.12 -5.81
C LEU B 29 -27.41 13.10 -6.11
N ALA B 30 -27.56 14.35 -5.74
CA ALA B 30 -26.60 15.38 -6.09
C ALA B 30 -26.24 15.29 -7.56
N THR B 31 -25.22 14.52 -7.91
CA THR B 31 -24.74 14.52 -9.28
C THR B 31 -24.37 13.13 -9.86
N ASP B 32 -24.61 12.05 -9.12
CA ASP B 32 -24.07 10.73 -9.46
C ASP B 32 -25.01 9.92 -10.33
N VAL B 33 -25.24 10.41 -11.55
CA VAL B 33 -26.07 9.73 -12.54
C VAL B 33 -25.33 9.48 -13.85
N ALA B 34 -25.39 8.24 -14.33
CA ALA B 34 -24.71 7.82 -15.56
C ALA B 34 -25.74 7.54 -16.64
N TRP B 35 -25.43 7.92 -17.87
CA TRP B 35 -26.32 7.68 -18.99
C TRP B 35 -25.70 6.74 -20.02
N TYR B 36 -26.52 5.81 -20.52
CA TYR B 36 -26.08 4.80 -21.45
C TYR B 36 -26.98 4.69 -22.67
N GLN B 37 -26.38 4.18 -23.74
CA GLN B 37 -27.06 3.95 -24.99
C GLN B 37 -26.93 2.48 -25.23
N GLN B 38 -28.03 1.82 -25.55
CA GLN B 38 -27.98 0.40 -25.89
C GLN B 38 -28.72 0.11 -27.18
N LYS B 39 -27.98 -0.43 -28.14
CA LYS B 39 -28.50 -0.76 -29.45
C LYS B 39 -28.87 -2.24 -29.50
N PRO B 40 -29.83 -2.61 -30.38
CA PRO B 40 -30.42 -3.95 -30.43
C PRO B 40 -29.41 -5.08 -30.35
N GLY B 41 -29.32 -5.71 -29.18
CA GLY B 41 -28.48 -6.90 -28.98
C GLY B 41 -27.01 -6.65 -28.62
N LYS B 42 -26.57 -5.41 -28.75
CA LYS B 42 -25.23 -5.04 -28.33
C LYS B 42 -25.27 -4.75 -26.83
N ALA B 43 -24.09 -4.60 -26.24
CA ALA B 43 -23.98 -4.20 -24.86
C ALA B 43 -24.11 -2.68 -24.75
N PRO B 44 -24.62 -2.16 -23.61
CA PRO B 44 -24.84 -0.74 -23.43
C PRO B 44 -23.56 0.07 -23.35
N LYS B 45 -23.46 1.10 -24.17
CA LYS B 45 -22.31 1.98 -24.16
C LYS B 45 -22.60 3.10 -23.19
N LEU B 46 -21.58 3.51 -22.44
CA LEU B 46 -21.70 4.63 -21.52
C LEU B 46 -21.64 5.95 -22.30
N LEU B 47 -22.52 6.88 -21.97
CA LEU B 47 -22.52 8.18 -22.65
C LEU B 47 -22.13 9.34 -21.73
N ILE B 48 -22.81 9.46 -20.59
CA ILE B 48 -22.56 10.55 -19.64
C ILE B 48 -22.24 10.02 -18.26
N TYR B 49 -21.36 10.71 -17.55
CA TYR B 49 -21.11 10.41 -16.14
C TYR B 49 -21.16 11.67 -15.28
N SER B 50 -21.47 11.50 -14.00
CA SER B 50 -21.73 12.60 -13.09
C SER B 50 -22.70 13.57 -13.73
N ALA B 51 -23.83 13.03 -14.20
CA ALA B 51 -24.97 13.81 -14.68
C ALA B 51 -24.74 14.71 -15.91
N SER B 52 -23.48 15.01 -16.23
CA SER B 52 -23.18 16.10 -17.16
C SER B 52 -21.90 15.98 -17.98
N PHE B 53 -21.03 15.03 -17.66
CA PHE B 53 -19.74 14.88 -18.35
C PHE B 53 -19.84 13.91 -19.52
N LEU B 54 -19.10 14.19 -20.58
CA LEU B 54 -19.02 13.29 -21.74
C LEU B 54 -17.90 12.29 -21.54
N TYR B 55 -18.09 11.07 -22.03
CA TYR B 55 -17.04 10.06 -22.04
C TYR B 55 -16.26 10.14 -23.35
N SER B 56 -15.00 9.71 -23.32
CA SER B 56 -14.12 9.84 -24.48
C SER B 56 -14.57 8.97 -25.65
N GLY B 57 -15.06 9.62 -26.70
CA GLY B 57 -15.50 8.93 -27.90
C GLY B 57 -17.00 8.90 -28.06
N VAL B 58 -17.66 9.91 -27.50
CA VAL B 58 -19.06 10.13 -27.77
C VAL B 58 -19.19 11.49 -28.43
N PRO B 59 -19.99 11.58 -29.51
CA PRO B 59 -20.26 12.84 -30.21
C PRO B 59 -20.81 13.92 -29.30
N SER B 60 -20.44 15.17 -29.56
CA SER B 60 -20.84 16.28 -28.70
C SER B 60 -22.35 16.58 -28.72
N ARG B 61 -23.08 16.06 -29.71
CA ARG B 61 -24.54 16.29 -29.76
C ARG B 61 -25.23 15.79 -28.50
N PHE B 62 -24.67 14.75 -27.87
CA PHE B 62 -25.18 14.19 -26.62
C PHE B 62 -24.74 15.03 -25.44
N SER B 63 -25.69 15.46 -24.60
CA SER B 63 -25.37 16.30 -23.45
C SER B 63 -26.32 16.04 -22.30
N GLY B 64 -25.80 16.14 -21.08
CA GLY B 64 -26.57 15.81 -19.88
C GLY B 64 -26.60 16.96 -18.89
N SER B 65 -27.67 17.02 -18.09
CA SER B 65 -27.90 18.14 -17.16
C SER B 65 -28.62 17.73 -15.89
N GLY B 66 -28.60 18.63 -14.90
CA GLY B 66 -29.41 18.48 -13.69
C GLY B 66 -28.67 18.10 -12.43
N SER B 67 -29.34 18.31 -11.29
CA SER B 67 -28.82 17.95 -9.96
C SER B 67 -29.92 17.49 -9.00
N GLY B 68 -29.54 16.64 -8.07
CA GLY B 68 -30.44 16.17 -7.03
C GLY B 68 -31.49 15.21 -7.53
N THR B 69 -32.65 15.73 -7.89
CA THR B 69 -33.79 14.88 -8.17
C THR B 69 -34.14 14.77 -9.64
N ASP B 70 -33.77 15.77 -10.45
CA ASP B 70 -34.16 15.81 -11.85
C ASP B 70 -32.96 15.91 -12.78
N PHE B 71 -32.79 14.89 -13.62
CA PHE B 71 -31.66 14.81 -14.55
C PHE B 71 -32.13 14.59 -15.97
N THR B 72 -31.35 15.12 -16.91
CA THR B 72 -31.79 15.25 -18.29
C THR B 72 -30.70 14.88 -19.32
N LEU B 73 -31.07 14.09 -20.32
CA LEU B 73 -30.22 13.86 -21.47
C LEU B 73 -30.80 14.57 -22.67
N THR B 74 -29.93 15.23 -23.45
CA THR B 74 -30.34 15.91 -24.66
C THR B 74 -29.42 15.53 -25.80
N ILE B 75 -30.03 14.95 -26.84
CA ILE B 75 -29.38 14.76 -28.13
C ILE B 75 -29.82 15.93 -29.01
N SER B 76 -28.91 16.88 -29.24
CA SER B 76 -29.25 18.09 -29.97
C SER B 76 -29.64 17.80 -31.41
N SER B 77 -28.70 17.31 -32.22
CA SER B 77 -28.98 17.01 -33.61
C SER B 77 -29.09 15.52 -33.83
N LEU B 78 -30.33 15.01 -33.76
CA LEU B 78 -30.59 13.57 -33.84
C LEU B 78 -30.20 13.00 -35.21
N GLN B 79 -29.56 11.82 -35.20
CA GLN B 79 -29.16 11.14 -36.43
C GLN B 79 -29.76 9.74 -36.47
N PRO B 80 -29.77 9.12 -37.65
CA PRO B 80 -30.23 7.73 -37.85
C PRO B 80 -29.56 6.70 -36.93
N GLU B 81 -28.24 6.76 -36.81
CA GLU B 81 -27.50 5.84 -35.94
C GLU B 81 -27.79 6.06 -34.44
N ASP B 82 -28.35 7.22 -34.09
CA ASP B 82 -28.76 7.49 -32.71
C ASP B 82 -29.98 6.69 -32.26
N PHE B 83 -30.56 5.90 -33.15
CA PHE B 83 -31.60 4.94 -32.79
C PHE B 83 -31.09 4.01 -31.69
N ALA B 84 -31.82 3.92 -30.59
CA ALA B 84 -31.41 3.10 -29.45
C ALA B 84 -32.43 3.14 -28.34
N THR B 85 -32.17 2.40 -27.27
CA THR B 85 -32.86 2.58 -25.99
C THR B 85 -31.86 3.26 -25.08
N TYR B 86 -32.30 4.29 -24.36
CA TYR B 86 -31.40 5.08 -23.51
C TYR B 86 -31.72 4.95 -22.03
N TYR B 87 -30.70 4.69 -21.21
CA TYR B 87 -30.89 4.35 -19.81
C TYR B 87 -30.11 5.27 -18.89
N CYS B 88 -30.80 5.95 -17.98
CA CYS B 88 -30.13 6.68 -16.91
C CYS B 88 -29.77 5.65 -15.85
N GLN B 89 -28.81 5.97 -15.00
CA GLN B 89 -28.39 5.08 -13.91
C GLN B 89 -27.95 5.86 -12.70
N GLN B 90 -28.46 5.52 -11.52
CA GLN B 90 -27.88 6.03 -10.29
C GLN B 90 -26.62 5.21 -9.98
N SER B 91 -25.54 5.89 -9.66
CA SER B 91 -24.26 5.25 -9.34
C SER B 91 -23.70 5.65 -7.95
N GLU B 92 -24.54 6.28 -7.13
CA GLU B 92 -24.12 6.95 -5.89
C GLU B 92 -23.52 5.92 -4.93
N PRO B 93 -24.36 5.04 -4.33
CA PRO B 93 -23.79 3.78 -3.89
C PRO B 93 -24.53 2.62 -4.52
N GLU B 94 -24.12 1.41 -4.14
CA GLU B 94 -24.83 0.20 -4.55
C GLU B 94 -26.15 0.20 -3.79
N PRO B 95 -27.11 -0.63 -4.19
CA PRO B 95 -27.17 -1.38 -5.43
C PRO B 95 -27.61 -0.41 -6.48
N TYR B 96 -26.93 -0.44 -7.62
CA TYR B 96 -27.15 0.56 -8.64
C TYR B 96 -28.45 0.26 -9.32
N THR B 97 -29.39 1.19 -9.26
CA THR B 97 -30.66 1.02 -9.96
C THR B 97 -30.57 1.80 -11.27
N PHE B 98 -31.25 1.29 -12.28
CA PHE B 98 -31.29 1.91 -13.59
C PHE B 98 -32.70 2.37 -13.86
N GLY B 99 -32.87 3.16 -14.92
CA GLY B 99 -34.20 3.60 -15.30
C GLY B 99 -34.91 2.53 -16.10
N GLN B 100 -36.19 2.77 -16.37
CA GLN B 100 -36.99 1.90 -17.22
C GLN B 100 -36.41 1.89 -18.63
N GLY B 101 -35.84 3.03 -19.03
CA GLY B 101 -35.25 3.22 -20.36
C GLY B 101 -36.17 3.98 -21.29
N THR B 102 -35.58 4.73 -22.21
CA THR B 102 -36.35 5.48 -23.20
C THR B 102 -36.02 4.98 -24.60
N LYS B 103 -37.00 4.35 -25.25
CA LYS B 103 -36.83 3.85 -26.61
C LYS B 103 -36.90 5.02 -27.60
N VAL B 104 -35.78 5.30 -28.25
CA VAL B 104 -35.75 6.31 -29.33
C VAL B 104 -35.78 5.60 -30.67
N GLU B 105 -36.52 6.20 -31.59
CA GLU B 105 -36.59 5.75 -32.99
C GLU B 105 -36.80 6.96 -33.87
N ILE B 106 -36.31 6.90 -35.10
CA ILE B 106 -36.24 8.08 -35.95
C ILE B 106 -37.52 8.27 -36.76
N LYS B 107 -37.79 9.52 -37.15
CA LYS B 107 -38.87 9.85 -38.08
C LYS B 107 -38.30 10.14 -39.47
N ARG B 108 -38.98 9.62 -40.49
CA ARG B 108 -38.48 9.58 -41.86
C ARG B 108 -39.63 9.82 -42.85
N THR B 109 -39.26 10.11 -44.09
CA THR B 109 -40.20 10.14 -45.21
C THR B 109 -40.96 8.81 -45.31
N VAL B 110 -42.28 8.89 -45.46
CA VAL B 110 -43.14 7.71 -45.53
C VAL B 110 -42.80 6.80 -46.71
N ALA B 111 -42.27 5.62 -46.41
CA ALA B 111 -41.79 4.68 -47.42
C ALA B 111 -42.78 3.55 -47.61
N ALA B 112 -43.01 3.19 -48.85
CA ALA B 112 -43.88 2.07 -49.18
C ALA B 112 -43.14 0.75 -48.93
N PRO B 113 -43.86 -0.28 -48.47
CA PRO B 113 -43.27 -1.60 -48.29
C PRO B 113 -43.19 -2.37 -49.58
N SER B 114 -42.03 -2.99 -49.83
CA SER B 114 -41.90 -3.93 -50.93
C SER B 114 -42.40 -5.27 -50.43
N VAL B 115 -43.34 -5.87 -51.16
CA VAL B 115 -44.06 -7.04 -50.67
C VAL B 115 -43.66 -8.32 -51.41
N PHE B 116 -43.30 -9.34 -50.65
CA PHE B 116 -42.92 -10.64 -51.21
C PHE B 116 -43.62 -11.76 -50.47
N ILE B 117 -44.14 -12.72 -51.23
CA ILE B 117 -44.75 -13.90 -50.66
C ILE B 117 -43.99 -15.13 -51.15
N PHE B 118 -43.73 -16.06 -50.25
CA PHE B 118 -43.08 -17.32 -50.60
C PHE B 118 -44.04 -18.44 -50.30
N PRO B 119 -44.07 -19.47 -51.15
CA PRO B 119 -44.83 -20.63 -50.78
C PRO B 119 -44.00 -21.49 -49.84
N PRO B 120 -44.63 -22.51 -49.25
CA PRO B 120 -43.88 -23.49 -48.49
C PRO B 120 -43.00 -24.37 -49.37
N SER B 121 -42.11 -25.10 -48.72
CA SER B 121 -41.22 -26.01 -49.41
C SER B 121 -41.86 -27.36 -49.53
N ASP B 122 -41.31 -28.17 -50.41
CA ASP B 122 -41.76 -29.54 -50.57
C ASP B 122 -41.31 -30.37 -49.35
N GLU B 123 -40.20 -29.96 -48.74
CA GLU B 123 -39.58 -30.68 -47.61
C GLU B 123 -40.23 -30.36 -46.27
N GLN B 124 -40.81 -29.17 -46.15
CA GLN B 124 -41.61 -28.82 -44.97
C GLN B 124 -42.96 -29.53 -45.03
N LEU B 125 -43.51 -29.61 -46.24
CA LEU B 125 -44.73 -30.38 -46.49
C LEU B 125 -44.54 -31.86 -46.15
N LYS B 126 -43.31 -32.36 -46.28
CA LYS B 126 -42.97 -33.75 -45.95
C LYS B 126 -43.22 -34.10 -44.47
N SER B 127 -42.82 -33.22 -43.56
CA SER B 127 -43.08 -33.43 -42.13
C SER B 127 -44.56 -33.21 -41.76
N GLY B 128 -45.36 -32.72 -42.71
CA GLY B 128 -46.81 -32.66 -42.57
C GLY B 128 -47.39 -31.29 -42.29
N THR B 129 -46.57 -30.25 -42.37
CA THR B 129 -47.03 -28.89 -42.07
C THR B 129 -46.71 -27.91 -43.19
N ALA B 130 -47.49 -26.83 -43.24
CA ALA B 130 -47.36 -25.75 -44.22
C ALA B 130 -47.02 -24.40 -43.55
N SER B 131 -46.12 -23.63 -44.18
CA SER B 131 -45.87 -22.25 -43.76
C SER B 131 -45.66 -21.33 -44.97
N VAL B 132 -46.67 -20.52 -45.24
CA VAL B 132 -46.51 -19.42 -46.18
C VAL B 132 -45.83 -18.33 -45.39
N VAL B 133 -45.01 -17.55 -46.08
CA VAL B 133 -44.42 -16.35 -45.49
C VAL B 133 -44.72 -15.14 -46.37
N CYS B 134 -45.05 -14.03 -45.73
CA CYS B 134 -45.13 -12.74 -46.41
C CYS B 134 -43.91 -11.94 -45.97
N LEU B 135 -43.58 -10.88 -46.69
CA LEU B 135 -42.44 -10.03 -46.31
C LEU B 135 -42.61 -8.59 -46.79
N LEU B 136 -42.70 -7.66 -45.83
CA LEU B 136 -42.67 -6.23 -46.12
C LEU B 136 -41.24 -5.75 -45.92
N ASN B 137 -40.69 -5.06 -46.90
CA ASN B 137 -39.27 -4.74 -46.89
C ASN B 137 -38.96 -3.26 -46.94
N ASN B 138 -38.15 -2.81 -45.98
CA ASN B 138 -37.69 -1.44 -45.94
C ASN B 138 -38.80 -0.43 -46.18
N PHE B 139 -39.57 -0.16 -45.15
CA PHE B 139 -40.68 0.77 -45.22
C PHE B 139 -40.72 1.65 -43.97
N TYR B 140 -41.58 2.65 -43.99
CA TYR B 140 -41.79 3.53 -42.85
C TYR B 140 -43.17 4.21 -42.99
N PRO B 141 -43.88 4.43 -41.87
CA PRO B 141 -43.62 4.13 -40.46
C PRO B 141 -43.94 2.68 -40.11
N ARG B 142 -43.83 2.34 -38.83
CA ARG B 142 -43.97 0.94 -38.40
C ARG B 142 -45.30 0.31 -38.81
N GLU B 143 -46.40 0.85 -38.30
CA GLU B 143 -47.73 0.26 -38.49
C GLU B 143 -48.00 -0.21 -39.93
N ALA B 144 -48.41 -1.46 -40.07
CA ALA B 144 -48.89 -2.00 -41.35
C ALA B 144 -49.72 -3.27 -41.11
N LYS B 145 -50.87 -3.35 -41.77
CA LYS B 145 -51.82 -4.45 -41.56
C LYS B 145 -51.64 -5.59 -42.57
N VAL B 146 -51.12 -6.72 -42.08
CA VAL B 146 -50.93 -7.90 -42.92
C VAL B 146 -52.07 -8.88 -42.73
N GLN B 147 -53.14 -8.69 -43.49
CA GLN B 147 -54.28 -9.60 -43.45
C GLN B 147 -54.10 -10.69 -44.48
N TRP B 148 -54.36 -11.93 -44.09
CA TRP B 148 -54.24 -13.05 -45.01
C TRP B 148 -55.59 -13.38 -45.66
N LYS B 149 -55.52 -14.09 -46.78
CA LYS B 149 -56.71 -14.48 -47.53
C LYS B 149 -56.55 -15.89 -48.09
N VAL B 150 -57.22 -16.87 -47.47
CA VAL B 150 -57.23 -18.24 -47.99
C VAL B 150 -58.52 -18.53 -48.78
N ASP B 151 -58.38 -18.55 -50.11
CA ASP B 151 -59.50 -18.56 -51.06
C ASP B 151 -60.44 -17.41 -50.74
N ASN B 152 -59.91 -16.19 -50.86
CA ASN B 152 -60.63 -14.94 -50.56
C ASN B 152 -61.18 -14.83 -49.13
N ALA B 153 -61.05 -15.88 -48.33
CA ALA B 153 -61.57 -15.89 -46.95
C ALA B 153 -60.53 -15.30 -46.01
N LEU B 154 -60.99 -14.46 -45.07
CA LEU B 154 -60.09 -13.84 -44.10
C LEU B 154 -59.65 -14.88 -43.06
N GLN B 155 -58.37 -14.86 -42.70
CA GLN B 155 -57.84 -15.79 -41.70
C GLN B 155 -57.48 -15.07 -40.42
N SER B 156 -57.56 -15.80 -39.30
CA SER B 156 -57.45 -15.23 -37.95
C SER B 156 -56.77 -16.21 -36.99
N GLY B 157 -55.83 -15.70 -36.19
CA GLY B 157 -55.21 -16.48 -35.14
C GLY B 157 -54.01 -17.30 -35.61
N ASN B 158 -54.15 -17.94 -36.77
CA ASN B 158 -53.09 -18.78 -37.33
C ASN B 158 -51.76 -18.05 -37.64
N SER B 159 -51.84 -16.73 -37.89
CA SER B 159 -50.68 -15.94 -38.32
C SER B 159 -49.77 -15.46 -37.18
N GLN B 160 -48.55 -15.08 -37.55
CA GLN B 160 -47.57 -14.52 -36.60
C GLN B 160 -46.64 -13.53 -37.28
N GLU B 161 -46.53 -12.33 -36.71
CA GLU B 161 -45.68 -11.27 -37.26
C GLU B 161 -44.39 -11.13 -36.47
N SER B 162 -43.33 -10.67 -37.14
CA SER B 162 -42.02 -10.48 -36.53
C SER B 162 -41.31 -9.28 -37.14
N VAL B 163 -41.11 -8.24 -36.34
CA VAL B 163 -40.66 -6.94 -36.84
C VAL B 163 -39.16 -6.77 -36.71
N THR B 164 -38.53 -6.16 -37.71
CA THR B 164 -37.11 -5.82 -37.65
C THR B 164 -36.97 -4.64 -36.74
N GLU B 165 -35.80 -4.50 -36.14
CA GLU B 165 -35.50 -3.32 -35.35
C GLU B 165 -35.02 -2.25 -36.32
N GLN B 166 -35.45 -1.00 -36.11
CA GLN B 166 -35.26 0.04 -37.09
C GLN B 166 -33.83 0.10 -37.62
N ASP B 167 -33.66 -0.18 -38.91
CA ASP B 167 -32.36 -0.07 -39.58
C ASP B 167 -31.75 1.29 -39.25
N SER B 168 -30.44 1.33 -39.11
CA SER B 168 -29.74 2.52 -38.61
C SER B 168 -29.07 3.38 -39.71
N LYS B 169 -29.23 2.97 -40.98
CA LYS B 169 -28.61 3.62 -42.12
C LYS B 169 -29.67 4.40 -42.92
N ASP B 170 -30.75 3.71 -43.27
CA ASP B 170 -31.89 4.32 -43.96
C ASP B 170 -33.16 4.35 -43.09
N SER B 171 -33.01 4.06 -41.79
CA SER B 171 -34.10 4.19 -40.82
C SER B 171 -35.41 3.49 -41.19
N THR B 172 -35.32 2.43 -41.98
CA THR B 172 -36.52 1.72 -42.41
C THR B 172 -36.76 0.50 -41.54
N TYR B 173 -37.97 -0.02 -41.61
CA TYR B 173 -38.36 -1.22 -40.87
C TYR B 173 -38.42 -2.40 -41.81
N SER B 174 -38.76 -3.56 -41.28
CA SER B 174 -39.11 -4.72 -42.09
C SER B 174 -40.01 -5.63 -41.27
N LEU B 175 -40.66 -6.59 -41.92
CA LEU B 175 -41.67 -7.42 -41.25
C LEU B 175 -41.84 -8.79 -41.92
N SER B 176 -42.05 -9.83 -41.12
CA SER B 176 -42.30 -11.17 -41.65
C SER B 176 -43.52 -11.80 -40.99
N SER B 177 -44.60 -11.89 -41.76
CA SER B 177 -45.80 -12.60 -41.35
C SER B 177 -45.64 -14.07 -41.74
N THR B 178 -46.08 -14.98 -40.87
CA THR B 178 -46.07 -16.42 -41.17
C THR B 178 -47.48 -16.95 -41.09
N LEU B 179 -47.90 -17.68 -42.12
CA LEU B 179 -49.19 -18.34 -42.10
C LEU B 179 -48.93 -19.82 -41.92
N THR B 180 -49.34 -20.38 -40.79
CA THR B 180 -49.06 -21.79 -40.48
C THR B 180 -50.34 -22.60 -40.29
N LEU B 181 -50.38 -23.77 -40.94
CA LEU B 181 -51.49 -24.72 -40.76
C LEU B 181 -51.16 -26.17 -41.19
N SER B 182 -52.07 -27.07 -40.87
CA SER B 182 -51.96 -28.49 -41.20
C SER B 182 -51.91 -28.68 -42.71
N LYS B 183 -51.00 -29.54 -43.19
CA LYS B 183 -50.89 -29.78 -44.62
C LYS B 183 -52.13 -30.46 -45.21
N ALA B 184 -53.00 -30.93 -44.33
CA ALA B 184 -54.34 -31.37 -44.73
C ALA B 184 -55.21 -30.17 -45.08
N ASP B 185 -55.18 -29.15 -44.22
CA ASP B 185 -55.93 -27.93 -44.45
C ASP B 185 -55.30 -27.10 -45.57
N TYR B 186 -54.03 -27.38 -45.88
CA TYR B 186 -53.33 -26.73 -46.99
C TYR B 186 -53.66 -27.38 -48.31
N GLU B 187 -53.54 -28.72 -48.35
CA GLU B 187 -53.86 -29.49 -49.56
C GLU B 187 -55.37 -29.57 -49.83
N LYS B 188 -56.10 -28.49 -49.53
CA LYS B 188 -57.50 -28.37 -49.92
C LYS B 188 -57.93 -26.91 -50.20
N HIS B 189 -56.96 -26.10 -50.61
CA HIS B 189 -57.22 -24.73 -51.07
C HIS B 189 -56.25 -24.40 -52.20
N LYS B 190 -56.66 -23.46 -53.06
CA LYS B 190 -55.84 -23.08 -54.22
C LYS B 190 -55.11 -21.75 -54.01
N VAL B 191 -55.87 -20.70 -53.68
CA VAL B 191 -55.36 -19.31 -53.70
C VAL B 191 -55.00 -18.77 -52.31
N TYR B 192 -53.69 -18.65 -52.05
CA TYR B 192 -53.16 -18.13 -50.79
C TYR B 192 -52.58 -16.74 -51.00
N ALA B 193 -53.12 -15.74 -50.31
CA ALA B 193 -52.78 -14.33 -50.59
C ALA B 193 -52.50 -13.51 -49.34
N CYS B 194 -51.56 -12.59 -49.46
CA CYS B 194 -51.15 -11.70 -48.38
C CYS B 194 -51.57 -10.27 -48.74
N GLU B 195 -52.38 -9.66 -47.89
CA GLU B 195 -52.90 -8.32 -48.16
C GLU B 195 -52.31 -7.29 -47.20
N VAL B 196 -51.49 -6.39 -47.76
CA VAL B 196 -50.75 -5.42 -46.97
C VAL B 196 -51.25 -4.00 -47.15
N THR B 197 -51.44 -3.30 -46.02
CA THR B 197 -51.96 -1.93 -46.01
C THR B 197 -51.11 -1.00 -45.15
N HIS B 198 -50.79 0.17 -45.72
CA HIS B 198 -49.80 1.09 -45.14
C HIS B 198 -50.23 2.54 -45.40
N GLN B 199 -49.50 3.49 -44.83
CA GLN B 199 -49.74 4.91 -45.07
C GLN B 199 -49.16 5.33 -46.43
N GLY B 200 -47.92 4.90 -46.67
CA GLY B 200 -47.28 5.05 -47.98
C GLY B 200 -47.96 4.28 -49.11
N LEU B 201 -49.10 3.66 -48.85
CA LEU B 201 -49.93 3.02 -49.87
C LEU B 201 -51.17 3.88 -50.14
N SER B 202 -51.54 3.97 -51.41
CA SER B 202 -52.84 4.52 -51.77
C SER B 202 -53.86 3.40 -51.80
N SER B 203 -53.44 2.25 -52.33
CA SER B 203 -54.29 1.07 -52.43
C SER B 203 -53.57 -0.13 -51.82
N PRO B 204 -54.24 -0.89 -50.93
CA PRO B 204 -53.60 -2.05 -50.30
C PRO B 204 -53.12 -3.09 -51.31
N VAL B 205 -51.81 -3.29 -51.33
CA VAL B 205 -51.16 -4.20 -52.26
C VAL B 205 -51.40 -5.64 -51.76
N THR B 206 -51.88 -6.49 -52.65
CA THR B 206 -52.09 -7.89 -52.34
C THR B 206 -51.11 -8.75 -53.13
N LYS B 207 -50.60 -9.81 -52.50
CA LYS B 207 -49.68 -10.74 -53.15
C LYS B 207 -50.16 -12.19 -52.98
N SER B 208 -50.28 -12.93 -54.07
CA SER B 208 -50.88 -14.26 -54.03
C SER B 208 -50.12 -15.27 -54.87
N PHE B 209 -50.55 -16.52 -54.79
CA PHE B 209 -50.03 -17.58 -55.65
C PHE B 209 -51.00 -18.76 -55.68
N ASN B 210 -50.69 -19.75 -56.51
CA ASN B 210 -51.49 -20.97 -56.61
C ASN B 210 -50.64 -22.22 -56.44
N ARG B 211 -51.31 -23.31 -56.10
CA ARG B 211 -50.66 -24.56 -55.73
C ARG B 211 -50.58 -25.53 -56.91
N ALA C 8 48.84 7.32 23.13
CA ALA C 8 49.54 7.19 24.43
C ALA C 8 48.62 6.57 25.45
N VAL C 9 47.51 7.25 25.71
CA VAL C 9 46.57 6.87 26.77
C VAL C 9 45.93 5.51 26.51
N CYS C 10 45.51 4.86 27.59
CA CYS C 10 44.84 3.57 27.52
C CYS C 10 44.13 3.31 28.86
N PRO C 11 43.08 2.47 28.87
CA PRO C 11 42.26 2.26 30.05
C PRO C 11 42.75 1.18 31.00
N GLY C 12 42.18 1.16 32.21
CA GLY C 12 42.58 0.23 33.28
C GLY C 12 41.46 -0.68 33.76
N THR C 13 41.63 -1.29 34.94
CA THR C 13 40.71 -2.33 35.43
C THR C 13 39.99 -1.98 36.74
N LEU C 14 39.03 -2.84 37.10
CA LEU C 14 38.20 -2.73 38.32
C LEU C 14 38.03 -4.07 39.06
N ASN C 15 38.84 -5.07 38.72
CA ASN C 15 38.58 -6.45 39.14
C ASN C 15 38.94 -6.76 40.60
N GLY C 16 39.52 -5.80 41.30
CA GLY C 16 39.85 -5.98 42.71
C GLY C 16 40.88 -7.04 42.95
N LEU C 17 40.45 -8.16 43.54
CA LEU C 17 41.33 -9.28 43.87
C LEU C 17 40.77 -10.60 43.35
N SER C 18 40.07 -10.55 42.22
CA SER C 18 39.52 -11.76 41.62
C SER C 18 40.36 -12.09 40.41
N VAL C 19 40.58 -13.38 40.19
CA VAL C 19 41.39 -13.82 39.06
C VAL C 19 40.78 -15.10 38.46
N THR C 20 41.52 -15.74 37.55
CA THR C 20 41.22 -17.08 37.08
C THR C 20 42.32 -18.05 37.53
N GLY C 21 42.12 -19.34 37.27
CA GLY C 21 43.07 -20.37 37.70
C GLY C 21 44.47 -20.26 37.12
N ASP C 22 44.59 -19.79 35.88
CA ASP C 22 45.88 -19.77 35.18
C ASP C 22 46.67 -18.49 35.48
N ALA C 23 47.85 -18.67 36.08
CA ALA C 23 48.79 -17.58 36.32
C ALA C 23 49.55 -17.21 35.04
N GLU C 24 49.63 -18.16 34.09
CA GLU C 24 50.09 -17.88 32.73
C GLU C 24 49.13 -16.87 32.08
N ASN C 25 47.83 -17.18 32.10
CA ASN C 25 46.81 -16.27 31.54
C ASN C 25 46.81 -14.93 32.24
N GLN C 26 46.94 -14.96 33.56
CA GLN C 26 46.98 -13.75 34.38
C GLN C 26 48.05 -12.79 33.89
N TYR C 27 49.22 -13.33 33.54
CA TYR C 27 50.28 -12.53 32.92
C TYR C 27 49.80 -12.02 31.55
N GLN C 28 49.55 -12.95 30.63
CA GLN C 28 49.15 -12.62 29.26
C GLN C 28 48.10 -11.51 29.21
N THR C 29 47.00 -11.72 29.92
CA THR C 29 45.87 -10.80 29.90
C THR C 29 46.26 -9.43 30.43
N LEU C 30 47.17 -9.43 31.41
CA LEU C 30 47.70 -8.19 32.00
C LEU C 30 48.45 -7.35 30.96
N TYR C 31 49.20 -8.02 30.09
CA TYR C 31 50.06 -7.39 29.08
C TYR C 31 49.27 -6.71 27.97
N LYS C 32 48.28 -7.41 27.44
CA LYS C 32 47.42 -6.87 26.40
C LYS C 32 46.84 -5.50 26.78
N LEU C 33 46.35 -5.37 28.01
CA LEU C 33 45.67 -4.15 28.49
C LEU C 33 46.59 -2.94 28.52
N TYR C 34 47.57 -2.97 29.44
CA TYR C 34 48.43 -1.80 29.70
C TYR C 34 49.57 -1.72 28.65
N GLU C 35 49.23 -2.00 27.39
CA GLU C 35 50.18 -2.30 26.30
C GLU C 35 51.51 -1.51 26.23
N ARG C 36 51.48 -0.34 25.60
CA ARG C 36 52.52 0.68 25.63
C ARG C 36 51.57 1.74 26.05
N CYS C 37 51.77 2.37 27.18
CA CYS C 37 50.71 3.21 27.63
C CYS C 37 51.29 4.23 28.56
N GLU C 38 50.92 5.50 28.36
CA GLU C 38 51.45 6.56 29.20
C GLU C 38 50.53 6.81 30.37
N VAL C 39 49.24 7.00 30.09
CA VAL C 39 48.27 7.30 31.12
C VAL C 39 47.33 6.12 31.30
N VAL C 40 47.05 5.78 32.55
CA VAL C 40 46.00 4.82 32.87
C VAL C 40 44.73 5.59 33.16
N MET C 41 43.73 5.41 32.30
CA MET C 41 42.39 5.88 32.61
C MET C 41 41.71 4.76 33.37
N GLY C 42 41.86 4.80 34.69
CA GLY C 42 41.29 3.78 35.56
C GLY C 42 42.26 3.42 36.67
N ASN C 43 42.34 2.13 36.97
CA ASN C 43 43.18 1.64 38.04
C ASN C 43 44.24 0.72 37.49
N LEU C 44 45.32 0.55 38.26
CA LEU C 44 46.39 -0.36 37.90
C LEU C 44 46.38 -1.54 38.85
N GLU C 45 45.85 -2.65 38.37
CA GLU C 45 45.63 -3.83 39.20
C GLU C 45 46.59 -4.95 38.83
N ILE C 46 47.69 -5.03 39.58
CA ILE C 46 48.69 -6.07 39.41
C ILE C 46 48.55 -7.09 40.53
N VAL C 47 47.78 -8.14 40.27
CA VAL C 47 47.43 -9.12 41.29
C VAL C 47 47.82 -10.53 40.84
N LEU C 48 48.44 -11.28 41.75
CA LEU C 48 48.80 -12.69 41.55
C LEU C 48 49.74 -12.94 40.38
N THR C 49 50.36 -11.88 39.90
CA THR C 49 51.09 -11.93 38.64
C THR C 49 52.19 -12.97 38.69
N GLY C 50 52.47 -13.55 37.52
CA GLY C 50 53.54 -14.53 37.37
C GLY C 50 54.86 -14.07 37.95
N HIS C 51 55.54 -15.02 38.59
CA HIS C 51 56.89 -14.84 39.18
C HIS C 51 58.00 -14.51 38.17
N ASN C 52 57.97 -15.14 36.99
CA ASN C 52 58.93 -14.86 35.93
C ASN C 52 58.32 -13.93 34.90
N ALA C 53 57.98 -12.73 35.37
CA ALA C 53 57.42 -11.67 34.54
C ALA C 53 58.57 -10.83 34.00
N ASP C 54 58.34 -10.18 32.86
CA ASP C 54 59.34 -9.30 32.24
C ASP C 54 58.76 -7.90 32.05
N LEU C 55 58.09 -7.42 33.10
CA LEU C 55 57.27 -6.21 33.09
C LEU C 55 57.98 -4.99 32.48
N SER C 56 58.01 -4.90 31.15
CA SER C 56 58.70 -3.79 30.47
C SER C 56 57.70 -2.70 30.06
N PHE C 57 56.64 -3.12 29.36
CA PHE C 57 55.58 -2.21 28.91
C PHE C 57 55.15 -1.19 29.98
N LEU C 58 55.25 -1.59 31.26
CA LEU C 58 54.99 -0.70 32.38
C LEU C 58 55.90 0.55 32.46
N GLN C 59 57.04 0.53 31.78
CA GLN C 59 57.98 1.64 31.87
C GLN C 59 57.32 3.00 31.61
N TRP C 60 56.75 3.20 30.42
CA TRP C 60 56.34 4.54 29.92
C TRP C 60 55.10 5.09 30.62
N ILE C 61 54.62 4.37 31.62
CA ILE C 61 53.51 4.80 32.45
C ILE C 61 53.92 5.97 33.34
N ARG C 62 53.24 7.10 33.17
CA ARG C 62 53.51 8.29 33.95
C ARG C 62 52.46 8.48 35.04
N GLU C 63 51.19 8.31 34.68
CA GLU C 63 50.08 8.72 35.53
C GLU C 63 49.02 7.62 35.65
N VAL C 64 48.41 7.54 36.83
CA VAL C 64 47.26 6.68 37.03
C VAL C 64 46.13 7.49 37.69
N THR C 65 45.03 7.66 36.95
CA THR C 65 43.91 8.46 37.41
C THR C 65 43.22 7.85 38.64
N GLY C 66 43.32 6.54 38.80
CA GLY C 66 42.74 5.88 39.95
C GLY C 66 43.79 5.58 41.01
N TYR C 67 43.92 4.29 41.34
CA TYR C 67 44.84 3.83 42.38
C TYR C 67 45.81 2.81 41.78
N VAL C 68 46.71 2.29 42.61
CA VAL C 68 47.68 1.30 42.17
C VAL C 68 47.76 0.11 43.14
N LEU C 69 47.17 -1.02 42.73
CA LEU C 69 47.07 -2.21 43.59
C LEU C 69 48.13 -3.24 43.21
N VAL C 70 48.96 -3.60 44.19
CA VAL C 70 50.03 -4.60 44.00
C VAL C 70 49.91 -5.70 45.06
N ALA C 71 49.33 -6.83 44.67
CA ALA C 71 48.97 -7.89 45.63
C ALA C 71 49.21 -9.30 45.10
N MET C 72 49.63 -10.19 46.02
CA MET C 72 49.81 -11.62 45.75
C MET C 72 50.90 -11.94 44.72
N ASN C 73 51.69 -10.94 44.33
CA ASN C 73 52.69 -11.14 43.28
C ASN C 73 53.96 -11.78 43.83
N GLU C 74 54.85 -12.17 42.91
CA GLU C 74 56.05 -12.94 43.25
C GLU C 74 57.36 -12.32 42.73
N PHE C 75 57.28 -11.56 41.63
CA PHE C 75 58.45 -10.89 41.06
C PHE C 75 59.24 -10.11 42.10
N SER C 76 60.50 -9.83 41.77
CA SER C 76 61.45 -9.21 42.71
C SER C 76 61.22 -7.71 42.91
N THR C 77 61.02 -6.99 41.81
CA THR C 77 60.93 -5.55 41.83
C THR C 77 59.78 -5.08 40.95
N LEU C 78 59.17 -3.96 41.34
CA LEU C 78 58.08 -3.39 40.58
C LEU C 78 58.61 -2.22 39.77
N PRO C 79 58.72 -2.38 38.44
CA PRO C 79 59.42 -1.40 37.62
C PRO C 79 58.49 -0.30 37.08
N LEU C 80 58.39 0.78 37.83
CA LEU C 80 57.55 1.92 37.46
C LEU C 80 58.41 3.19 37.51
N PRO C 81 59.19 3.42 36.45
CA PRO C 81 60.19 4.47 36.40
C PRO C 81 59.65 5.82 35.95
N ASN C 82 58.79 5.85 34.93
CA ASN C 82 58.23 7.11 34.47
C ASN C 82 57.04 7.55 35.32
N LEU C 83 56.61 6.71 36.26
CA LEU C 83 55.45 7.04 37.09
C LEU C 83 55.65 8.28 37.95
N ARG C 84 54.96 9.36 37.58
CA ARG C 84 55.02 10.62 38.30
C ARG C 84 53.85 10.76 39.25
N VAL C 85 52.64 10.65 38.72
CA VAL C 85 51.44 10.97 39.48
C VAL C 85 50.43 9.82 39.55
N VAL C 86 49.90 9.57 40.74
CA VAL C 86 48.70 8.77 40.90
C VAL C 86 47.61 9.70 41.44
N ARG C 87 46.47 9.77 40.77
CA ARG C 87 45.44 10.74 41.13
C ARG C 87 44.54 10.32 42.30
N GLY C 88 44.17 9.05 42.35
CA GLY C 88 43.29 8.55 43.39
C GLY C 88 41.88 9.13 43.33
N THR C 89 41.47 9.52 42.13
CA THR C 89 40.15 10.11 41.92
C THR C 89 39.05 9.07 42.13
N GLN C 90 39.41 7.81 41.92
CA GLN C 90 38.73 6.71 42.59
C GLN C 90 39.80 6.07 43.45
N VAL C 91 39.44 5.25 44.43
CA VAL C 91 40.45 4.75 45.36
C VAL C 91 40.06 3.36 45.90
N TYR C 92 41.07 2.56 46.24
CA TYR C 92 40.87 1.16 46.62
C TYR C 92 40.41 1.01 48.05
N ASP C 93 39.62 -0.03 48.30
CA ASP C 93 39.06 -0.33 49.63
C ASP C 93 38.21 0.84 50.14
N GLY C 94 38.69 2.06 49.93
CA GLY C 94 38.01 3.26 50.39
C GLY C 94 38.96 4.40 50.63
N LYS C 95 40.17 4.12 51.10
CA LYS C 95 41.12 5.16 51.48
C LYS C 95 42.57 4.94 51.01
N PHE C 96 42.79 4.14 49.97
CA PHE C 96 44.17 3.82 49.56
C PHE C 96 44.42 4.02 48.08
N ALA C 97 45.24 5.01 47.75
CA ALA C 97 45.71 5.26 46.38
C ALA C 97 46.80 4.27 45.97
N ILE C 98 47.50 3.72 46.95
CA ILE C 98 48.46 2.66 46.72
C ILE C 98 48.27 1.60 47.79
N PHE C 99 48.08 0.36 47.35
CA PHE C 99 47.80 -0.75 48.23
C PHE C 99 48.77 -1.86 47.88
N VAL C 100 49.77 -2.08 48.74
CA VAL C 100 50.80 -3.11 48.51
C VAL C 100 50.76 -4.13 49.64
N MET C 101 50.17 -5.29 49.37
CA MET C 101 49.92 -6.27 50.41
C MET C 101 50.26 -7.68 49.95
N LEU C 102 51.02 -8.40 50.78
CA LEU C 102 51.26 -9.84 50.61
C LEU C 102 51.81 -10.21 49.25
N ASN C 103 53.03 -9.74 48.99
CA ASN C 103 53.74 -10.10 47.78
C ASN C 103 54.94 -10.98 48.13
N TYR C 104 54.65 -12.26 48.37
CA TYR C 104 55.69 -13.29 48.59
C TYR C 104 55.06 -14.67 48.59
N ASN C 105 55.85 -15.70 48.29
CA ASN C 105 55.39 -17.10 48.33
C ASN C 105 56.12 -17.97 49.36
N THR C 106 55.39 -18.95 49.89
CA THR C 106 55.88 -19.80 50.97
C THR C 106 56.84 -20.87 50.46
N ASN C 107 56.44 -21.56 49.39
CA ASN C 107 57.25 -22.63 48.78
C ASN C 107 58.41 -22.09 47.96
N SER C 108 58.37 -20.80 47.64
CA SER C 108 59.36 -20.17 46.77
C SER C 108 60.20 -19.13 47.53
N SER C 109 61.26 -18.66 46.88
CA SER C 109 62.00 -17.48 47.30
C SER C 109 61.54 -16.27 46.49
N HIS C 110 60.68 -16.54 45.51
CA HIS C 110 60.06 -15.49 44.71
C HIS C 110 59.23 -14.59 45.65
N ALA C 111 59.70 -13.36 45.85
CA ALA C 111 59.03 -12.38 46.69
C ALA C 111 59.42 -10.97 46.25
N LEU C 112 58.58 -9.99 46.58
CA LEU C 112 58.84 -8.60 46.21
C LEU C 112 59.85 -7.99 47.16
N ARG C 113 60.87 -7.34 46.61
CA ARG C 113 61.95 -6.75 47.42
C ARG C 113 62.08 -5.24 47.29
N GLN C 114 61.76 -4.68 46.12
CA GLN C 114 61.88 -3.24 45.89
C GLN C 114 60.72 -2.68 45.11
N LEU C 115 60.39 -1.43 45.40
CA LEU C 115 59.43 -0.69 44.60
C LEU C 115 60.16 0.40 43.85
N ARG C 116 60.48 0.13 42.58
CA ARG C 116 61.22 1.09 41.75
C ARG C 116 60.34 2.29 41.39
N LEU C 117 60.10 3.16 42.36
CA LEU C 117 59.21 4.30 42.16
C LEU C 117 60.01 5.58 42.09
N THR C 118 61.24 5.47 41.61
CA THR C 118 62.18 6.58 41.52
C THR C 118 61.44 7.90 41.27
N GLN C 119 60.47 7.88 40.35
CA GLN C 119 59.91 9.12 39.84
C GLN C 119 58.69 9.68 40.57
N LEU C 120 57.96 8.82 41.29
CA LEU C 120 56.72 9.26 41.95
C LEU C 120 56.88 10.56 42.71
N THR C 121 56.11 11.56 42.33
CA THR C 121 56.23 12.90 42.89
C THR C 121 55.14 13.20 43.93
N GLU C 122 53.90 12.82 43.63
CA GLU C 122 52.77 13.08 44.54
C GLU C 122 51.55 12.16 44.32
N ILE C 123 50.65 12.14 45.31
CA ILE C 123 49.38 11.42 45.22
C ILE C 123 48.23 12.36 45.61
N LEU C 124 47.42 12.74 44.61
CA LEU C 124 46.42 13.80 44.76
C LEU C 124 45.32 13.50 45.77
N SER C 125 44.97 12.22 45.92
CA SER C 125 43.98 11.78 46.91
C SER C 125 44.21 10.33 47.30
N GLY C 126 44.01 10.04 48.60
CA GLY C 126 44.08 8.67 49.11
C GLY C 126 45.38 8.40 49.86
N GLY C 127 45.34 7.36 50.68
CA GLY C 127 46.48 6.97 51.52
C GLY C 127 47.40 5.95 50.87
N VAL C 128 48.10 5.19 51.71
CA VAL C 128 49.01 4.16 51.22
C VAL C 128 49.06 3.02 52.21
N TYR C 129 48.93 1.80 51.72
CA TYR C 129 48.95 0.61 52.57
C TYR C 129 50.06 -0.33 52.13
N ILE C 130 51.14 -0.34 52.91
CA ILE C 130 52.31 -1.19 52.62
C ILE C 130 52.56 -2.14 53.79
N GLU C 131 51.93 -3.31 53.71
CA GLU C 131 51.94 -4.28 54.81
C GLU C 131 52.06 -5.71 54.30
N LYS C 132 52.57 -6.56 55.17
CA LYS C 132 52.68 -8.00 54.93
C LYS C 132 53.48 -8.31 53.66
N ASN C 133 54.60 -7.61 53.48
CA ASN C 133 55.46 -7.85 52.33
C ASN C 133 56.83 -8.28 52.81
N ASP C 134 56.94 -9.57 53.11
CA ASP C 134 58.04 -10.14 53.90
C ASP C 134 59.46 -9.72 53.51
N LYS C 135 59.72 -9.51 52.22
CA LYS C 135 61.06 -9.11 51.76
C LYS C 135 61.12 -7.71 51.14
N LEU C 136 59.97 -7.01 51.09
CA LEU C 136 59.92 -5.65 50.56
C LEU C 136 60.78 -4.70 51.42
N CYS C 137 61.66 -3.95 50.78
CA CYS C 137 62.66 -3.16 51.51
C CYS C 137 62.57 -1.64 51.31
N HIS C 138 63.13 -0.94 52.30
CA HIS C 138 63.35 0.51 52.30
C HIS C 138 62.11 1.38 52.55
N MET C 139 60.93 0.78 52.57
CA MET C 139 59.69 1.56 52.62
C MET C 139 59.56 2.42 53.89
N ASP C 140 60.15 1.96 54.98
CA ASP C 140 60.14 2.71 56.25
C ASP C 140 61.01 3.98 56.21
N THR C 141 61.87 4.09 55.20
CA THR C 141 62.74 5.25 55.03
C THR C 141 62.05 6.42 54.31
N ILE C 142 61.14 6.09 53.40
CA ILE C 142 60.46 7.09 52.56
C ILE C 142 59.54 8.00 53.36
N ASP C 143 59.52 9.28 52.99
CA ASP C 143 58.62 10.24 53.60
C ASP C 143 57.32 10.28 52.81
N TRP C 144 56.36 9.46 53.24
CA TRP C 144 55.08 9.31 52.53
C TRP C 144 54.11 10.49 52.71
N ARG C 145 54.33 11.32 53.73
CA ARG C 145 53.51 12.53 53.94
C ARG C 145 54.00 13.69 53.05
N ASP C 146 55.16 13.48 52.44
CA ASP C 146 55.70 14.39 51.44
C ASP C 146 55.02 14.18 50.08
N ILE C 147 54.61 12.94 49.82
CA ILE C 147 53.98 12.57 48.55
C ILE C 147 52.47 12.79 48.60
N VAL C 148 51.84 12.32 49.67
CA VAL C 148 50.39 12.40 49.82
C VAL C 148 49.93 13.84 50.00
N ARG C 149 48.95 14.23 49.19
CA ARG C 149 48.42 15.58 49.20
C ARG C 149 47.35 15.80 50.25
N ASP C 150 46.74 14.71 50.73
CA ASP C 150 45.67 14.79 51.74
C ASP C 150 46.23 14.63 53.16
N ARG C 151 46.12 15.69 53.95
CA ARG C 151 46.61 15.72 55.35
C ARG C 151 46.03 14.64 56.26
N ASP C 152 44.85 14.12 55.92
CA ASP C 152 44.21 13.06 56.71
C ASP C 152 43.79 11.91 55.80
N ALA C 153 44.77 11.38 55.09
CA ALA C 153 44.64 10.10 54.42
C ALA C 153 45.44 9.10 55.24
N GLU C 154 45.12 7.83 55.08
CA GLU C 154 45.73 6.79 55.92
C GLU C 154 47.06 6.29 55.35
N ILE C 155 48.15 6.65 56.04
CA ILE C 155 49.48 6.18 55.69
C ILE C 155 49.81 5.02 56.61
N VAL C 156 49.83 3.80 56.07
CA VAL C 156 50.10 2.61 56.86
C VAL C 156 51.25 1.83 56.24
N VAL C 157 52.38 1.77 56.95
CA VAL C 157 53.54 1.00 56.52
C VAL C 157 54.08 0.16 57.68
N LYS C 158 54.02 -1.16 57.53
CA LYS C 158 54.62 -2.09 58.51
C LYS C 158 54.68 -3.54 57.98
N ASP C 159 55.12 -4.47 58.83
CA ASP C 159 55.24 -5.90 58.52
C ASP C 159 55.78 -6.12 57.10
N ASN C 160 56.94 -5.53 56.85
CA ASN C 160 57.58 -5.64 55.54
C ASN C 160 58.93 -6.35 55.71
N GLY C 161 60.00 -5.80 55.13
CA GLY C 161 61.33 -6.38 55.24
C GLY C 161 61.83 -6.40 56.66
N ARG C 162 62.80 -7.28 56.91
CA ARG C 162 63.36 -7.45 58.24
C ARG C 162 64.82 -7.01 58.28
N SER C 163 65.61 -7.50 57.32
CA SER C 163 67.02 -7.14 57.22
C SER C 163 67.30 -6.46 55.88
N CYS C 164 66.99 -5.17 55.82
CA CYS C 164 67.24 -4.38 54.60
C CYS C 164 68.57 -3.63 54.71
N PRO C 165 69.30 -3.49 53.56
CA PRO C 165 70.52 -2.68 53.56
C PRO C 165 70.22 -1.21 53.80
N PRO C 166 71.19 -0.44 54.35
CA PRO C 166 70.95 1.00 54.55
C PRO C 166 70.88 1.78 53.23
N CYS C 167 70.20 2.92 53.25
CA CYS C 167 70.16 3.80 52.09
C CYS C 167 71.58 4.21 51.71
N HIS C 168 71.75 4.60 50.45
CA HIS C 168 73.01 5.18 50.02
C HIS C 168 73.14 6.55 50.66
N GLU C 169 74.38 6.97 50.89
CA GLU C 169 74.64 8.27 51.52
C GLU C 169 74.11 9.48 50.72
N VAL C 170 73.92 9.32 49.41
CA VAL C 170 73.43 10.41 48.56
C VAL C 170 71.92 10.65 48.71
N CYS C 171 71.19 9.61 49.10
CA CYS C 171 69.73 9.71 49.28
C CYS C 171 69.33 10.37 50.60
N LYS C 172 70.31 10.61 51.47
CA LYS C 172 70.13 11.20 52.80
C LYS C 172 69.09 10.45 53.66
N GLY C 173 69.19 9.13 53.64
CA GLY C 173 68.36 8.26 54.48
C GLY C 173 66.93 8.05 54.02
N ARG C 174 66.57 8.57 52.85
CA ARG C 174 65.27 8.32 52.22
C ARG C 174 65.48 7.83 50.79
N CYS C 175 65.25 6.54 50.58
CA CYS C 175 65.52 5.91 49.30
C CYS C 175 64.57 4.74 49.04
N TRP C 176 64.25 4.53 47.76
CA TRP C 176 63.41 3.44 47.32
C TRP C 176 64.19 2.12 47.30
N GLY C 177 65.49 2.22 47.05
CA GLY C 177 66.37 1.06 46.93
C GLY C 177 67.79 1.41 47.35
N PRO C 178 68.67 0.40 47.41
CA PRO C 178 70.04 0.68 47.85
C PRO C 178 70.79 1.65 46.94
N GLY C 179 70.49 1.64 45.64
CA GLY C 179 71.21 2.44 44.65
C GLY C 179 71.27 3.94 44.95
N SER C 180 72.26 4.60 44.35
CA SER C 180 72.45 6.05 44.48
C SER C 180 71.51 6.86 43.58
N GLU C 181 70.86 6.18 42.62
CA GLU C 181 69.85 6.79 41.75
C GLU C 181 68.46 6.38 42.25
N ASP C 182 68.42 5.50 43.25
CA ASP C 182 67.16 5.03 43.85
C ASP C 182 66.67 5.95 45.00
N CYS C 183 67.19 7.17 45.07
CA CYS C 183 66.86 8.12 46.12
C CYS C 183 65.50 8.78 45.86
N GLN C 184 64.69 8.90 46.90
CA GLN C 184 63.40 9.60 46.81
C GLN C 184 63.66 11.09 46.95
N THR C 185 63.23 11.87 45.95
CA THR C 185 63.43 13.33 45.94
C THR C 185 62.24 14.06 46.55
N LEU C 186 62.51 14.99 47.48
CA LEU C 186 61.45 15.65 48.24
C LEU C 186 60.62 16.61 47.38
N THR C 187 59.34 16.73 47.72
CA THR C 187 58.34 17.47 46.92
C THR C 187 57.84 18.71 47.68
N LYS C 188 57.40 18.49 48.91
CA LYS C 188 56.77 19.51 49.72
C LYS C 188 57.82 20.34 50.43
N THR C 189 58.01 21.60 50.01
CA THR C 189 58.34 22.61 51.01
C THR C 189 56.99 23.28 51.23
N ILE C 190 56.74 23.67 52.48
CA ILE C 190 55.49 24.31 52.84
C ILE C 190 55.67 25.76 52.54
N CYS C 191 54.57 26.49 52.48
CA CYS C 191 54.56 27.53 51.51
C CYS C 191 53.92 28.82 51.89
N ALA C 192 54.35 29.81 51.12
CA ALA C 192 53.84 31.15 51.21
C ALA C 192 52.32 31.12 51.22
N PRO C 193 51.71 32.06 51.94
CA PRO C 193 50.26 32.20 52.01
C PRO C 193 49.59 32.47 50.66
N GLN C 194 50.26 33.24 49.78
CA GLN C 194 49.73 33.55 48.44
C GLN C 194 49.50 32.26 47.66
N CYS C 195 50.55 31.45 47.55
CA CYS C 195 50.45 30.12 46.96
C CYS C 195 49.62 29.26 47.88
N ASN C 196 48.42 28.87 47.45
CA ASN C 196 47.48 28.14 48.31
C ASN C 196 47.87 26.66 48.49
N GLY C 197 49.11 26.42 48.91
CA GLY C 197 49.68 25.08 48.95
C GLY C 197 50.05 24.57 47.56
N HIS C 198 50.37 25.48 46.66
CA HIS C 198 50.71 25.13 45.28
C HIS C 198 51.88 25.97 44.80
N CYS C 199 53.09 25.49 45.06
CA CYS C 199 54.31 26.22 44.74
C CYS C 199 55.49 25.30 44.52
N PHE C 200 56.45 25.78 43.76
CA PHE C 200 57.65 25.03 43.44
C PHE C 200 58.82 25.48 44.30
N GLY C 201 58.51 26.27 45.33
CA GLY C 201 59.52 26.76 46.25
C GLY C 201 58.88 27.65 47.31
N PRO C 202 59.60 27.93 48.40
CA PRO C 202 59.03 28.68 49.54
C PRO C 202 58.49 30.06 49.16
N ASN C 203 59.22 30.79 48.30
CA ASN C 203 58.93 32.20 48.02
C ASN C 203 57.48 32.47 47.57
N PRO C 204 56.96 33.67 47.87
CA PRO C 204 55.63 34.08 47.41
C PRO C 204 55.50 34.25 45.89
N ASN C 205 56.59 34.63 45.21
CA ASN C 205 56.57 34.71 43.75
C ASN C 205 56.65 33.32 43.08
N GLN C 206 57.04 32.30 43.84
CA GLN C 206 57.27 30.94 43.31
C GLN C 206 56.01 30.05 43.34
N CYS C 207 54.84 30.64 43.05
CA CYS C 207 53.58 29.89 43.05
C CYS C 207 53.45 29.03 41.80
N CYS C 208 52.70 27.94 41.93
CA CYS C 208 52.38 27.10 40.77
C CYS C 208 51.35 27.79 39.93
N HIS C 209 51.25 27.38 38.67
CA HIS C 209 50.21 27.90 37.80
C HIS C 209 48.85 27.42 38.29
N ASP C 210 47.81 28.20 37.97
CA ASP C 210 46.45 27.97 38.47
C ASP C 210 45.79 26.73 37.87
N GLU C 211 46.54 25.97 37.07
CA GLU C 211 46.04 24.76 36.43
C GLU C 211 46.83 23.50 36.81
N CYS C 212 47.85 23.63 37.64
CA CYS C 212 48.57 22.45 38.13
C CYS C 212 47.73 21.80 39.20
N ALA C 213 47.48 20.50 39.03
CA ALA C 213 46.64 19.75 39.95
C ALA C 213 47.30 19.64 41.32
N GLY C 214 48.62 19.43 41.34
CA GLY C 214 49.36 19.33 42.59
C GLY C 214 50.47 20.33 42.64
N GLY C 215 51.70 19.85 42.57
CA GLY C 215 52.87 20.73 42.58
C GLY C 215 53.31 21.11 41.18
N CYS C 216 54.49 21.73 41.13
CA CYS C 216 55.13 22.10 39.86
C CYS C 216 56.62 22.26 40.08
N SER C 217 57.35 22.57 39.01
CA SER C 217 58.75 22.98 39.11
C SER C 217 58.95 24.42 38.57
N GLY C 218 57.84 25.09 38.26
CA GLY C 218 57.85 26.48 37.80
C GLY C 218 56.43 27.06 37.70
N PRO C 219 56.32 28.38 37.51
CA PRO C 219 55.01 29.03 37.62
C PRO C 219 54.21 29.00 36.30
N GLN C 220 54.30 27.91 35.56
CA GLN C 220 53.83 27.88 34.17
C GLN C 220 52.90 26.71 33.87
N ASP C 221 52.44 26.67 32.62
CA ASP C 221 51.55 25.62 32.14
C ASP C 221 52.25 24.26 32.13
N THR C 222 53.47 24.24 31.60
CA THR C 222 54.16 23.00 31.31
C THR C 222 55.18 22.61 32.39
N ASP C 223 55.07 23.25 33.54
CA ASP C 223 55.89 22.89 34.71
C ASP C 223 55.08 22.07 35.71
N CYS C 224 53.78 21.93 35.47
CA CYS C 224 52.90 21.19 36.36
C CYS C 224 53.29 19.74 36.44
N PHE C 225 53.21 19.16 37.64
CA PHE C 225 53.38 17.72 37.79
C PHE C 225 52.16 16.97 37.25
N ALA C 226 51.01 17.61 37.33
CA ALA C 226 49.76 17.06 36.77
C ALA C 226 48.76 18.19 36.51
N CYS C 227 47.82 17.96 35.60
CA CYS C 227 46.88 18.99 35.18
C CYS C 227 45.55 18.91 35.93
N ARG C 228 45.13 20.02 36.52
CA ARG C 228 43.88 20.08 37.27
C ARG C 228 42.66 19.88 36.39
N HIS C 229 42.82 20.03 35.08
CA HIS C 229 41.72 19.83 34.15
C HIS C 229 42.14 19.02 32.90
N PHE C 230 42.56 19.68 31.82
CA PHE C 230 42.99 18.96 30.62
C PHE C 230 44.44 19.25 30.26
N ASN C 231 45.15 18.21 29.82
CA ASN C 231 46.50 18.38 29.26
C ASN C 231 46.41 18.61 27.75
N ASP C 232 47.08 19.64 27.26
CA ASP C 232 47.15 19.92 25.82
C ASP C 232 48.60 19.98 25.38
N SER C 233 49.07 18.90 24.76
CA SER C 233 50.40 18.83 24.16
C SER C 233 51.53 19.22 25.10
N GLY C 234 51.29 19.10 26.40
CA GLY C 234 52.27 19.52 27.41
C GLY C 234 51.76 20.57 28.38
N ALA C 235 50.89 21.48 27.91
CA ALA C 235 50.36 22.54 28.76
C ALA C 235 49.08 22.06 29.45
N CYS C 236 48.82 22.61 30.62
CA CYS C 236 47.60 22.32 31.35
C CYS C 236 46.62 23.46 31.16
N VAL C 237 45.38 23.14 30.80
CA VAL C 237 44.38 24.15 30.46
C VAL C 237 43.01 23.77 31.04
N PRO C 238 42.18 24.79 31.36
CA PRO C 238 40.84 24.50 31.88
C PRO C 238 39.90 23.85 30.84
N ARG C 239 40.23 24.01 29.55
CA ARG C 239 39.41 23.47 28.49
C ARG C 239 40.32 23.00 27.37
N CYS C 240 39.80 22.17 26.47
CA CYS C 240 40.49 21.92 25.22
C CYS C 240 40.04 22.97 24.22
N PRO C 241 40.90 23.33 23.26
CA PRO C 241 40.57 24.33 22.24
C PRO C 241 39.20 24.09 21.61
N GLN C 242 38.32 25.08 21.69
CA GLN C 242 36.92 24.92 21.28
C GLN C 242 36.76 24.64 19.79
N PRO C 243 35.64 23.98 19.41
CA PRO C 243 35.40 23.61 18.01
C PRO C 243 35.14 24.81 17.11
N LEU C 244 34.63 25.89 17.69
CA LEU C 244 34.24 27.06 16.94
C LEU C 244 34.90 28.31 17.51
N VAL C 245 35.67 28.99 16.67
CA VAL C 245 36.34 30.23 17.05
C VAL C 245 35.67 31.41 16.34
N TYR C 246 35.43 32.50 17.08
CA TYR C 246 34.80 33.71 16.54
C TYR C 246 35.69 34.34 15.45
N ASN C 247 35.14 34.46 14.24
CA ASN C 247 35.85 35.06 13.11
C ASN C 247 35.50 36.55 12.96
N LYS C 248 36.52 37.38 12.73
CA LYS C 248 36.34 38.83 12.61
C LYS C 248 35.86 39.23 11.20
N LEU C 249 36.05 38.34 10.22
CA LEU C 249 35.69 38.60 8.82
C LEU C 249 34.17 38.52 8.61
N THR C 250 33.56 37.44 9.07
CA THR C 250 32.13 37.20 8.90
C THR C 250 31.30 37.50 10.17
N PHE C 251 31.94 38.06 11.20
CA PHE C 251 31.27 38.50 12.44
C PHE C 251 30.48 37.41 13.18
N GLN C 252 30.84 36.15 12.94
CA GLN C 252 30.19 35.01 13.61
C GLN C 252 31.25 33.95 13.93
N LEU C 253 30.84 32.71 14.18
CA LEU C 253 31.77 31.63 14.48
C LEU C 253 31.95 30.68 13.28
N GLU C 254 33.10 30.01 13.22
CA GLU C 254 33.46 29.11 12.10
C GLU C 254 34.35 27.93 12.56
N PRO C 255 34.35 26.81 11.79
CA PRO C 255 35.02 25.58 12.23
C PRO C 255 36.52 25.74 12.48
N ASN C 256 36.89 25.90 13.75
CA ASN C 256 38.28 26.09 14.13
C ASN C 256 39.12 24.85 13.82
N PRO C 257 40.11 24.97 12.93
CA PRO C 257 40.94 23.82 12.55
C PRO C 257 41.90 23.38 13.66
N HIS C 258 42.16 24.29 14.60
CA HIS C 258 42.96 23.97 15.78
C HIS C 258 42.13 23.32 16.90
N THR C 259 40.93 22.85 16.55
CA THR C 259 40.08 22.16 17.51
C THR C 259 40.69 20.84 17.96
N LYS C 260 40.40 20.46 19.20
CA LYS C 260 40.88 19.19 19.78
C LYS C 260 39.84 18.68 20.78
N TYR C 261 39.65 17.37 20.83
CA TYR C 261 38.63 16.78 21.70
C TYR C 261 39.19 16.31 23.02
N GLN C 262 38.35 16.34 24.05
CA GLN C 262 38.72 15.88 25.38
C GLN C 262 38.77 14.36 25.40
N TYR C 263 39.64 13.79 26.20
CA TYR C 263 39.60 12.36 26.50
C TYR C 263 40.05 12.13 27.94
N GLY C 264 39.13 12.34 28.88
CA GLY C 264 39.43 12.28 30.31
C GLY C 264 40.13 13.55 30.75
N GLY C 265 41.43 13.64 30.46
CA GLY C 265 42.21 14.84 30.75
C GLY C 265 43.25 15.15 29.67
N VAL C 266 43.01 14.68 28.45
CA VAL C 266 43.95 14.84 27.35
C VAL C 266 43.24 15.40 26.12
N CYS C 267 43.75 16.50 25.58
CA CYS C 267 43.24 17.05 24.33
C CYS C 267 43.89 16.33 23.15
N VAL C 268 43.06 15.73 22.30
CA VAL C 268 43.55 14.91 21.19
C VAL C 268 43.07 15.37 19.82
N ALA C 269 43.78 14.93 18.80
CA ALA C 269 43.50 15.29 17.41
C ALA C 269 42.31 14.50 16.85
N SER C 270 42.16 13.25 17.29
CA SER C 270 41.03 12.41 16.86
C SER C 270 40.81 11.24 17.81
N CYS C 271 39.55 10.93 18.10
CA CYS C 271 39.19 9.96 19.14
C CYS C 271 39.62 8.54 18.79
N PRO C 272 39.81 7.67 19.81
CA PRO C 272 40.23 6.28 19.61
C PRO C 272 39.41 5.50 18.57
N HIS C 273 39.94 4.33 18.18
CA HIS C 273 39.39 3.56 17.05
C HIS C 273 37.94 3.10 17.30
N ASN C 274 37.57 2.94 18.56
CA ASN C 274 36.22 2.53 18.95
C ASN C 274 35.29 3.70 19.34
N PHE C 275 35.87 4.83 19.76
CA PHE C 275 35.12 5.89 20.44
C PHE C 275 34.49 6.94 19.52
N VAL C 276 33.45 7.61 20.03
CA VAL C 276 32.68 8.61 19.29
C VAL C 276 32.76 9.97 19.97
N VAL C 277 32.57 11.04 19.20
CA VAL C 277 32.56 12.40 19.75
C VAL C 277 31.17 12.78 20.28
N ASP C 278 31.14 13.54 21.38
CA ASP C 278 29.89 14.11 21.91
C ASP C 278 30.08 15.57 22.29
N GLN C 279 29.64 16.46 21.41
CA GLN C 279 29.83 17.91 21.54
C GLN C 279 31.25 18.34 21.96
N THR C 280 31.80 17.75 23.01
CA THR C 280 33.16 18.06 23.45
C THR C 280 34.05 16.83 23.67
N SER C 281 33.58 15.86 24.44
CA SER C 281 34.38 14.69 24.82
C SER C 281 34.33 13.54 23.82
N CYS C 282 35.35 12.70 23.85
CA CYS C 282 35.35 11.42 23.13
C CYS C 282 34.69 10.36 24.04
N VAL C 283 33.51 9.89 23.68
CA VAL C 283 32.75 8.96 24.52
C VAL C 283 32.55 7.58 23.86
N ARG C 284 32.39 6.56 24.71
CA ARG C 284 32.08 5.19 24.26
C ARG C 284 30.86 5.20 23.37
N ALA C 285 29.69 5.35 23.99
CA ALA C 285 28.42 5.30 23.32
C ALA C 285 27.72 6.66 23.48
N CYS C 286 27.01 7.09 22.43
CA CYS C 286 26.21 8.32 22.49
C CYS C 286 25.32 8.28 23.73
N PRO C 287 25.07 9.45 24.34
CA PRO C 287 24.13 9.48 25.46
C PRO C 287 22.73 9.06 25.03
N PRO C 288 21.82 8.89 26.01
CA PRO C 288 20.45 8.45 25.71
C PRO C 288 19.64 9.34 24.75
N ASP C 289 20.15 10.50 24.34
CA ASP C 289 19.42 11.32 23.39
C ASP C 289 20.24 11.72 22.17
N LYS C 290 21.07 10.80 21.66
CA LYS C 290 21.86 11.08 20.46
C LYS C 290 22.03 9.82 19.60
N MET C 291 22.32 10.02 18.32
CA MET C 291 22.76 8.91 17.47
C MET C 291 23.97 9.32 16.61
N GLU C 292 24.77 8.33 16.24
CA GLU C 292 26.00 8.55 15.48
C GLU C 292 25.68 9.16 14.11
N VAL C 293 26.49 10.14 13.70
CA VAL C 293 26.36 10.83 12.42
C VAL C 293 27.75 11.05 11.79
N ASP C 294 28.04 10.33 10.70
CA ASP C 294 29.30 10.49 9.97
C ASP C 294 29.13 11.45 8.80
N LYS C 295 29.82 12.60 8.86
CA LYS C 295 29.73 13.64 7.82
C LYS C 295 31.06 14.39 7.63
N ASN C 296 31.63 14.26 6.42
CA ASN C 296 32.94 14.85 6.06
C ASN C 296 34.11 14.39 6.93
N GLY C 297 34.28 13.06 7.02
CA GLY C 297 35.41 12.46 7.72
C GLY C 297 35.42 12.71 9.22
N LEU C 298 34.23 12.70 9.83
CA LEU C 298 34.12 12.84 11.28
C LEU C 298 32.80 12.29 11.83
N LYS C 299 32.91 11.36 12.78
CA LYS C 299 31.75 10.80 13.48
C LYS C 299 31.47 11.67 14.71
N MET C 300 30.18 11.89 15.02
CA MET C 300 29.81 12.83 16.09
C MET C 300 28.39 12.61 16.61
N CYS C 301 28.21 12.77 17.93
CA CYS C 301 26.89 12.64 18.58
C CYS C 301 26.00 13.85 18.31
N GLU C 302 24.83 13.60 17.71
CA GLU C 302 23.85 14.65 17.43
C GLU C 302 22.59 14.40 18.25
N PRO C 303 22.14 15.41 19.02
CA PRO C 303 20.91 15.31 19.82
C PRO C 303 19.67 15.03 18.98
N CYS C 304 18.92 14.00 19.36
CA CYS C 304 17.82 13.50 18.53
C CYS C 304 16.53 14.33 18.63
N GLY C 305 16.34 15.03 19.75
CA GLY C 305 15.16 15.89 19.93
C GLY C 305 13.98 15.14 20.55
N GLY C 306 13.03 14.73 19.71
CA GLY C 306 11.92 13.89 20.16
C GLY C 306 12.43 12.56 20.70
N LEU C 307 12.73 11.62 19.80
CA LEU C 307 13.36 10.34 20.14
C LEU C 307 14.35 9.91 19.07
N CYS C 308 15.42 9.23 19.46
CA CYS C 308 16.33 8.66 18.47
C CYS C 308 15.59 7.51 17.80
N PRO C 309 15.82 7.30 16.49
CA PRO C 309 15.01 6.33 15.75
C PRO C 309 15.17 4.89 16.25
N LYS C 310 14.33 4.54 17.21
CA LYS C 310 14.08 3.14 17.57
C LYS C 310 13.36 2.43 16.40
N ALA C 311 14.12 1.98 15.41
CA ALA C 311 13.60 1.19 14.28
C ALA C 311 13.40 -0.27 14.69
N CYS C 312 12.22 -0.84 14.38
CA CYS C 312 11.88 -2.22 14.78
C CYS C 312 11.54 -3.09 13.58
N GLU C 313 11.31 -4.38 13.84
CA GLU C 313 10.84 -5.30 12.79
C GLU C 313 9.36 -5.04 12.56
N GLY C 314 8.94 -5.22 11.31
CA GLY C 314 7.56 -5.06 10.91
C GLY C 314 6.83 -6.38 10.92
N THR C 315 6.11 -6.67 9.85
CA THR C 315 5.21 -7.82 9.81
C THR C 315 4.98 -8.27 8.38
N GLY C 316 4.55 -9.53 8.24
CA GLY C 316 4.13 -10.08 6.97
C GLY C 316 5.23 -10.89 6.31
N SER C 317 5.40 -10.68 5.01
CA SER C 317 6.50 -11.26 4.26
C SER C 317 7.82 -10.91 4.93
N GLY C 318 8.66 -11.92 5.13
CA GLY C 318 9.94 -11.75 5.82
C GLY C 318 9.79 -11.42 7.30
N SER C 319 8.87 -12.10 7.97
CA SER C 319 8.65 -11.89 9.41
C SER C 319 7.72 -12.98 9.97
N ARG C 320 7.85 -13.23 11.27
CA ARG C 320 7.15 -14.33 11.94
C ARG C 320 5.64 -14.15 11.91
N PHE C 321 5.21 -12.90 11.91
CA PHE C 321 3.80 -12.56 12.05
C PHE C 321 3.24 -12.14 10.70
N GLN C 322 2.07 -12.67 10.37
CA GLN C 322 1.31 -12.20 9.24
C GLN C 322 0.34 -11.10 9.71
N THR C 323 0.21 -10.95 11.03
CA THR C 323 -0.58 -9.87 11.63
C THR C 323 -0.08 -9.49 13.01
N VAL C 324 -0.22 -8.21 13.36
CA VAL C 324 -0.03 -7.79 14.74
C VAL C 324 -1.13 -8.41 15.59
N ASP C 325 -0.73 -9.26 16.53
CA ASP C 325 -1.66 -9.96 17.45
C ASP C 325 -1.40 -9.53 18.89
N SER C 326 -2.18 -10.05 19.82
CA SER C 326 -2.03 -9.68 21.24
C SER C 326 -0.70 -10.14 21.85
N SER C 327 -0.10 -11.17 21.26
CA SER C 327 1.23 -11.65 21.65
C SER C 327 2.26 -11.12 20.64
N ASN C 328 2.35 -9.80 20.56
CA ASN C 328 3.13 -9.13 19.50
C ASN C 328 3.23 -7.63 19.73
N ILE C 329 2.08 -7.00 19.96
CA ILE C 329 1.95 -5.56 20.16
C ILE C 329 2.96 -4.96 21.15
N ASP C 330 3.31 -5.71 22.19
CA ASP C 330 4.29 -5.23 23.16
C ASP C 330 5.64 -4.96 22.51
N GLY C 331 6.00 -5.78 21.52
CA GLY C 331 7.29 -5.66 20.83
C GLY C 331 7.38 -4.49 19.86
N PHE C 332 6.79 -3.36 20.26
CA PHE C 332 6.78 -2.13 19.46
C PHE C 332 7.05 -0.89 20.30
N VAL C 333 7.01 -1.03 21.63
CA VAL C 333 6.98 0.14 22.51
C VAL C 333 8.08 1.15 22.17
N ASN C 334 7.76 2.43 22.27
CA ASN C 334 8.67 3.54 21.95
C ASN C 334 9.17 3.58 20.49
N CYS C 335 8.68 2.69 19.63
CA CYS C 335 9.22 2.50 18.28
C CYS C 335 8.88 3.65 17.33
N THR C 336 9.88 4.14 16.59
CA THR C 336 9.71 5.30 15.72
C THR C 336 9.61 4.87 14.26
N LYS C 337 10.70 4.34 13.74
CA LYS C 337 10.73 3.87 12.36
C LYS C 337 10.36 2.39 12.40
N ILE C 338 9.96 1.86 11.26
CA ILE C 338 9.66 0.43 11.18
C ILE C 338 10.22 -0.16 9.89
N LEU C 339 11.01 -1.22 10.06
CA LEU C 339 11.54 -1.98 8.95
C LEU C 339 10.49 -2.98 8.47
N GLY C 340 10.14 -2.87 7.20
CA GLY C 340 9.13 -3.72 6.61
C GLY C 340 7.75 -3.12 6.66
N ASN C 341 6.79 -3.89 7.18
CA ASN C 341 5.37 -3.59 7.00
C ASN C 341 4.61 -3.56 8.33
N LEU C 342 3.29 -3.44 8.24
CA LEU C 342 2.41 -3.52 9.39
C LEU C 342 1.04 -4.01 8.93
N ASP C 343 0.68 -5.23 9.30
CA ASP C 343 -0.61 -5.82 8.92
C ASP C 343 -1.51 -5.95 10.15
N PHE C 344 -2.75 -5.46 10.05
CA PHE C 344 -3.72 -5.54 11.16
C PHE C 344 -4.93 -6.39 10.79
N LEU C 345 -4.73 -7.70 10.79
CA LEU C 345 -5.72 -8.59 10.21
C LEU C 345 -6.80 -8.97 11.22
N ILE C 346 -7.85 -9.60 10.69
CA ILE C 346 -9.06 -9.92 11.46
C ILE C 346 -8.71 -10.76 12.67
N THR C 347 -7.99 -11.86 12.44
CA THR C 347 -7.53 -12.69 13.54
C THR C 347 -6.79 -11.80 14.54
N GLY C 348 -5.65 -11.26 14.12
CA GLY C 348 -4.82 -10.43 14.98
C GLY C 348 -5.63 -9.74 16.07
N LEU C 349 -6.63 -8.97 15.64
CA LEU C 349 -7.44 -8.16 16.55
C LEU C 349 -8.24 -9.02 17.51
N ASN C 350 -9.13 -9.84 16.96
CA ASN C 350 -10.01 -10.64 17.79
C ASN C 350 -9.33 -11.91 18.31
N GLY C 351 -8.14 -12.17 17.78
CA GLY C 351 -7.37 -13.35 18.14
C GLY C 351 -7.94 -14.57 17.45
N ASP C 352 -7.56 -15.74 17.92
CA ASP C 352 -8.23 -16.97 17.52
C ASP C 352 -8.17 -17.98 18.68
N PRO C 353 -9.35 -18.44 19.17
CA PRO C 353 -9.43 -19.40 20.28
C PRO C 353 -9.08 -20.85 19.91
N TRP C 354 -8.98 -21.14 18.61
CA TRP C 354 -8.54 -22.44 18.12
C TRP C 354 -7.03 -22.63 18.40
N HIS C 355 -6.24 -21.60 18.07
CA HIS C 355 -4.79 -21.57 18.33
C HIS C 355 -4.43 -20.77 19.61
N LYS C 356 -5.43 -20.53 20.47
CA LYS C 356 -5.25 -19.98 21.85
C LYS C 356 -4.61 -18.58 21.95
N ILE C 357 -4.63 -17.81 20.87
CA ILE C 357 -4.01 -16.48 20.84
C ILE C 357 -5.07 -15.40 21.15
N PRO C 358 -4.95 -14.73 22.31
CA PRO C 358 -6.03 -13.85 22.82
C PRO C 358 -6.35 -12.63 21.96
N ALA C 359 -7.49 -12.00 22.25
CA ALA C 359 -7.93 -10.79 21.57
C ALA C 359 -7.09 -9.60 22.04
N LEU C 360 -6.89 -8.63 21.14
CA LEU C 360 -6.02 -7.49 21.39
C LEU C 360 -6.76 -6.43 22.21
N ASP C 361 -6.07 -5.86 23.20
CA ASP C 361 -6.62 -4.76 23.98
C ASP C 361 -6.49 -3.47 23.18
N PRO C 362 -7.61 -2.91 22.67
CA PRO C 362 -7.59 -1.78 21.74
C PRO C 362 -6.77 -0.57 22.19
N GLU C 363 -6.64 -0.36 23.50
CA GLU C 363 -5.84 0.76 23.99
C GLU C 363 -4.34 0.52 23.78
N LYS C 364 -3.93 -0.75 23.69
CA LYS C 364 -2.53 -1.07 23.41
C LYS C 364 -2.04 -0.52 22.07
N LEU C 365 -2.96 -0.36 21.12
CA LEU C 365 -2.65 0.25 19.80
C LEU C 365 -1.88 1.57 19.89
N ASN C 366 -2.22 2.38 20.89
CA ASN C 366 -1.57 3.69 21.09
C ASN C 366 -0.06 3.62 20.94
N VAL C 367 0.52 2.47 21.31
CA VAL C 367 1.91 2.17 21.05
C VAL C 367 2.42 2.78 19.74
N PHE C 368 1.58 2.75 18.72
CA PHE C 368 1.98 3.23 17.40
C PHE C 368 2.00 4.75 17.26
N ARG C 369 1.57 5.49 18.28
CA ARG C 369 1.57 6.95 18.21
C ARG C 369 2.98 7.53 18.11
N THR C 370 3.98 6.76 18.53
CA THR C 370 5.37 7.18 18.48
C THR C 370 5.99 7.01 17.09
N VAL C 371 5.33 6.22 16.23
CA VAL C 371 5.83 5.88 14.90
C VAL C 371 5.76 7.05 13.93
N ARG C 372 6.82 7.22 13.15
CA ARG C 372 6.90 8.29 12.15
C ARG C 372 7.16 7.79 10.71
N GLU C 373 7.72 6.59 10.56
CA GLU C 373 8.05 6.07 9.23
C GLU C 373 7.86 4.56 9.15
N ILE C 374 7.40 4.09 8.00
CA ILE C 374 7.25 2.67 7.75
C ILE C 374 7.85 2.37 6.38
N THR C 375 8.82 1.46 6.36
CA THR C 375 9.56 1.16 5.15
C THR C 375 8.65 0.66 4.04
N GLY C 376 7.99 -0.46 4.30
CA GLY C 376 7.16 -1.11 3.30
C GLY C 376 5.76 -0.56 3.24
N TYR C 377 4.78 -1.42 3.44
CA TYR C 377 3.36 -1.06 3.32
C TYR C 377 2.66 -1.01 4.67
N LEU C 378 1.49 -0.36 4.71
CA LEU C 378 0.58 -0.45 5.85
C LEU C 378 -0.71 -1.12 5.39
N ASN C 379 -1.16 -2.13 6.14
CA ASN C 379 -2.36 -2.87 5.76
C ASN C 379 -3.34 -3.07 6.91
N ILE C 380 -4.45 -2.34 6.87
CA ILE C 380 -5.47 -2.45 7.90
C ILE C 380 -6.72 -3.09 7.34
N GLN C 381 -6.99 -4.32 7.75
CA GLN C 381 -8.21 -5.02 7.34
C GLN C 381 -9.17 -5.29 8.50
N SER C 382 -8.92 -4.61 9.63
CA SER C 382 -9.81 -4.67 10.77
C SER C 382 -9.42 -3.52 11.69
N TRP C 383 -10.38 -3.03 12.49
CA TRP C 383 -10.11 -1.97 13.46
C TRP C 383 -11.10 -1.99 14.64
N PRO C 384 -10.62 -1.80 15.88
CA PRO C 384 -11.44 -1.82 17.11
C PRO C 384 -12.61 -0.84 17.12
N PRO C 385 -13.82 -1.34 16.87
CA PRO C 385 -15.01 -0.55 16.55
C PRO C 385 -15.12 0.82 17.23
N HIS C 386 -14.85 0.90 18.53
CA HIS C 386 -15.05 2.16 19.27
C HIS C 386 -14.06 3.25 18.85
N MET C 387 -13.09 2.90 17.99
CA MET C 387 -12.19 3.87 17.40
C MET C 387 -12.54 4.06 15.92
N HIS C 388 -12.91 5.28 15.56
CA HIS C 388 -13.39 5.58 14.22
C HIS C 388 -12.32 6.20 13.33
N ASN C 389 -11.06 6.09 13.74
CA ASN C 389 -9.95 6.64 12.99
C ASN C 389 -8.61 6.15 13.49
N PHE C 390 -7.62 6.24 12.62
CA PHE C 390 -6.28 5.80 12.92
C PHE C 390 -5.46 6.94 13.49
N SER C 391 -6.01 7.67 14.46
CA SER C 391 -5.26 8.75 15.09
C SER C 391 -4.06 8.15 15.81
N VAL C 392 -4.06 6.81 15.90
CA VAL C 392 -2.92 6.06 16.41
C VAL C 392 -1.68 6.23 15.53
N PHE C 393 -1.86 6.50 14.23
CA PHE C 393 -0.73 6.79 13.34
C PHE C 393 -0.65 8.26 13.00
N SER C 394 -1.19 9.11 13.87
CA SER C 394 -1.23 10.53 13.60
C SER C 394 0.18 11.05 13.32
N ASN C 395 1.16 10.61 14.12
CA ASN C 395 2.55 11.03 13.94
C ASN C 395 3.29 10.38 12.77
N LEU C 396 2.69 9.39 12.11
CA LEU C 396 3.28 8.77 10.91
C LEU C 396 3.40 9.78 9.76
N THR C 397 4.62 9.97 9.28
CA THR C 397 4.93 10.98 8.27
C THR C 397 5.27 10.39 6.89
N THR C 398 5.95 9.25 6.85
CA THR C 398 6.42 8.72 5.59
C THR C 398 6.18 7.23 5.46
N ILE C 399 5.58 6.82 4.36
CA ILE C 399 5.49 5.40 3.97
C ILE C 399 6.24 5.19 2.68
N GLY C 400 7.36 4.45 2.76
CA GLY C 400 8.24 4.28 1.61
C GLY C 400 7.61 3.44 0.51
N GLY C 401 7.13 2.27 0.90
CA GLY C 401 6.53 1.32 -0.05
C GLY C 401 7.59 0.44 -0.69
N ARG C 402 8.70 0.28 0.02
CA ARG C 402 9.86 -0.46 -0.49
C ARG C 402 9.60 -1.98 -0.54
N SER C 403 8.60 -2.45 0.20
CA SER C 403 8.03 -3.79 0.02
C SER C 403 6.51 -3.67 -0.01
N LEU C 404 5.88 -4.25 -1.04
CA LEU C 404 4.44 -4.06 -1.28
C LEU C 404 3.64 -5.23 -0.73
N TYR C 405 2.31 -5.15 -0.87
CA TYR C 405 1.41 -6.16 -0.30
C TYR C 405 0.84 -7.08 -1.39
N ASN C 406 -0.32 -6.73 -1.95
CA ASN C 406 -1.01 -7.67 -2.84
C ASN C 406 -0.44 -7.59 -4.27
N ARG C 407 -1.08 -6.78 -5.12
CA ARG C 407 -0.64 -6.52 -6.50
C ARG C 407 -0.06 -5.07 -6.53
N GLY C 408 1.07 -4.91 -5.85
CA GLY C 408 1.80 -3.63 -5.81
C GLY C 408 1.23 -2.56 -4.90
N PHE C 409 0.60 -2.95 -3.79
CA PHE C 409 -0.06 -1.99 -2.90
C PHE C 409 0.82 -1.60 -1.73
N SER C 410 1.18 -0.32 -1.66
CA SER C 410 2.02 0.20 -0.58
C SER C 410 1.19 0.72 0.59
N LEU C 411 -0.12 0.70 0.44
CA LEU C 411 -1.04 1.12 1.48
C LEU C 411 -2.41 0.59 1.13
N LEU C 412 -3.00 -0.17 2.06
CA LEU C 412 -4.28 -0.83 1.79
C LEU C 412 -5.19 -0.85 3.02
N ILE C 413 -6.29 -0.10 2.93
CA ILE C 413 -7.30 -0.07 3.97
C ILE C 413 -8.59 -0.61 3.39
N MET C 414 -9.23 -1.52 4.11
CA MET C 414 -10.30 -2.31 3.50
C MET C 414 -11.22 -2.98 4.52
N LYS C 415 -12.53 -2.81 4.30
CA LYS C 415 -13.56 -3.53 5.05
C LYS C 415 -13.61 -3.10 6.53
N ASN C 416 -13.49 -1.79 6.77
CA ASN C 416 -13.49 -1.21 8.12
C ASN C 416 -14.70 -0.29 8.28
N LEU C 417 -15.75 -0.83 8.90
CA LEU C 417 -17.07 -0.22 8.82
C LEU C 417 -17.18 1.04 9.66
N ASN C 418 -16.80 0.94 10.93
CA ASN C 418 -16.96 2.04 11.88
C ASN C 418 -16.00 3.22 11.70
N VAL C 419 -14.98 3.04 10.86
CA VAL C 419 -14.01 4.10 10.58
C VAL C 419 -14.64 5.23 9.78
N THR C 420 -14.53 6.43 10.35
CA THR C 420 -15.13 7.62 9.77
C THR C 420 -14.07 8.47 9.03
N SER C 421 -13.07 8.98 9.75
CA SER C 421 -11.96 9.67 9.09
C SER C 421 -10.79 8.70 8.95
N LEU C 422 -9.68 9.16 8.42
CA LEU C 422 -8.45 8.36 8.37
C LEU C 422 -7.55 8.70 9.56
N GLY C 423 -7.16 9.97 9.68
CA GLY C 423 -6.37 10.45 10.83
C GLY C 423 -4.86 10.46 10.66
N PHE C 424 -4.37 10.41 9.43
CA PHE C 424 -2.93 10.47 9.15
C PHE C 424 -2.44 11.90 9.04
N ARG C 425 -2.74 12.71 10.06
CA ARG C 425 -2.49 14.17 10.03
C ARG C 425 -1.10 14.54 9.54
N SER C 426 -0.11 13.72 9.90
CA SER C 426 1.27 14.01 9.58
C SER C 426 1.75 13.36 8.30
N LEU C 427 1.00 12.39 7.77
CA LEU C 427 1.43 11.75 6.53
C LEU C 427 1.53 12.80 5.42
N LYS C 428 2.66 12.73 4.71
CA LYS C 428 3.00 13.70 3.66
C LYS C 428 3.63 13.01 2.47
N GLU C 429 4.20 11.82 2.68
CA GLU C 429 4.87 11.11 1.60
C GLU C 429 4.56 9.61 1.62
N ILE C 430 4.03 9.14 0.50
CA ILE C 430 4.03 7.73 0.16
C ILE C 430 4.92 7.63 -1.05
N SER C 431 6.14 7.16 -0.87
CA SER C 431 7.19 7.29 -1.88
C SER C 431 6.89 6.49 -3.15
N ALA C 432 6.57 5.21 -2.98
CA ALA C 432 6.30 4.32 -4.11
C ALA C 432 5.21 3.30 -3.76
N GLY C 433 4.59 2.72 -4.79
CA GLY C 433 3.55 1.71 -4.64
C GLY C 433 2.15 2.19 -4.96
N ARG C 434 1.18 1.28 -4.95
CA ARG C 434 -0.23 1.61 -5.16
C ARG C 434 -0.95 1.82 -3.84
N ILE C 435 -2.10 2.51 -3.90
CA ILE C 435 -2.88 2.76 -2.73
C ILE C 435 -4.31 2.31 -2.96
N TYR C 436 -4.89 1.73 -1.93
CA TYR C 436 -6.22 1.11 -2.01
C TYR C 436 -6.99 1.45 -0.73
N ILE C 437 -8.08 2.20 -0.85
CA ILE C 437 -8.94 2.47 0.29
C ILE C 437 -10.40 2.31 -0.10
N SER C 438 -10.82 1.05 -0.16
CA SER C 438 -12.14 0.72 -0.64
C SER C 438 -12.88 -0.16 0.35
N ALA C 439 -14.21 -0.09 0.31
CA ALA C 439 -15.04 -0.92 1.17
C ALA C 439 -14.96 -0.51 2.64
N ASN C 440 -14.95 0.80 2.89
CA ASN C 440 -14.96 1.32 4.26
C ASN C 440 -16.17 2.22 4.40
N ARG C 441 -17.26 1.63 4.85
CA ARG C 441 -18.60 2.10 4.54
C ARG C 441 -18.98 3.41 5.20
N GLN C 442 -18.21 3.84 6.19
CA GLN C 442 -18.45 5.14 6.82
C GLN C 442 -17.26 6.10 6.71
N LEU C 443 -16.33 5.82 5.80
CA LEU C 443 -15.18 6.68 5.63
C LEU C 443 -15.53 7.92 4.83
N CYS C 444 -15.14 9.09 5.32
CA CYS C 444 -15.35 10.38 4.63
C CYS C 444 -14.07 11.21 4.68
N TYR C 445 -14.11 12.39 4.05
CA TYR C 445 -12.98 13.38 4.04
C TYR C 445 -11.88 13.05 3.04
N HIS C 446 -11.79 11.79 2.66
CA HIS C 446 -10.75 11.30 1.75
C HIS C 446 -10.95 11.75 0.30
N HIS C 447 -12.18 12.13 -0.04
CA HIS C 447 -12.53 12.54 -1.41
C HIS C 447 -11.80 13.80 -1.82
N SER C 448 -11.61 14.70 -0.87
CA SER C 448 -11.00 15.99 -1.13
C SER C 448 -9.49 15.92 -1.17
N LEU C 449 -8.93 14.91 -0.54
CA LEU C 449 -7.48 14.79 -0.44
C LEU C 449 -6.84 14.75 -1.83
N ASN C 450 -5.78 15.53 -2.02
CA ASN C 450 -5.02 15.53 -3.28
C ASN C 450 -3.83 14.58 -3.23
N TRP C 451 -3.99 13.39 -3.77
CA TRP C 451 -2.97 12.34 -3.67
C TRP C 451 -1.80 12.54 -4.63
N THR C 452 -1.84 13.63 -5.41
CA THR C 452 -0.72 13.99 -6.27
C THR C 452 0.37 14.66 -5.46
N LYS C 453 0.02 15.10 -4.25
CA LYS C 453 0.95 15.78 -3.36
C LYS C 453 1.55 14.83 -2.33
N VAL C 454 0.78 13.82 -1.92
CA VAL C 454 1.25 12.86 -0.93
C VAL C 454 2.16 11.86 -1.63
N LEU C 455 1.57 11.23 -2.64
CA LEU C 455 2.24 10.27 -3.48
C LEU C 455 2.99 11.08 -4.52
N ARG C 456 4.11 10.56 -5.00
CA ARG C 456 4.79 11.17 -6.14
C ARG C 456 5.37 10.09 -7.05
N GLY C 457 5.89 10.51 -8.20
CA GLY C 457 6.06 9.63 -9.37
C GLY C 457 4.74 9.72 -10.14
N PRO C 458 4.38 8.67 -10.89
CA PRO C 458 3.11 8.72 -11.65
C PRO C 458 1.86 8.88 -10.77
N THR C 459 0.75 9.31 -11.37
CA THR C 459 -0.55 9.38 -10.69
C THR C 459 -1.64 8.56 -11.41
N GLU C 460 -1.39 8.26 -12.68
CA GLU C 460 -2.40 7.69 -13.59
C GLU C 460 -3.22 6.55 -12.96
N GLU C 461 -2.58 5.41 -12.75
CA GLU C 461 -3.28 4.19 -12.32
C GLU C 461 -2.70 3.68 -11.02
N ARG C 462 -2.58 4.57 -10.05
CA ARG C 462 -2.08 4.21 -8.73
C ARG C 462 -3.13 4.33 -7.62
N LEU C 463 -4.21 5.06 -7.91
CA LEU C 463 -5.28 5.21 -6.95
C LEU C 463 -6.34 4.12 -7.13
N ASP C 464 -6.84 3.63 -6.00
CA ASP C 464 -8.00 2.75 -5.96
C ASP C 464 -8.80 3.06 -4.71
N ILE C 465 -9.65 4.07 -4.82
CA ILE C 465 -10.51 4.51 -3.73
C ILE C 465 -11.97 4.43 -4.18
N LYS C 466 -12.78 3.72 -3.42
CA LYS C 466 -14.05 3.32 -3.93
C LYS C 466 -14.92 2.67 -2.86
N HIS C 467 -16.22 2.74 -3.06
CA HIS C 467 -17.18 2.11 -2.17
C HIS C 467 -16.93 2.45 -0.72
N ASN C 468 -16.56 3.70 -0.46
CA ASN C 468 -16.61 4.26 0.86
C ASN C 468 -17.90 5.07 0.91
N ARG C 469 -18.19 5.70 2.04
CA ARG C 469 -19.42 6.51 2.15
C ARG C 469 -19.40 7.51 1.02
N PRO C 470 -20.43 7.49 0.16
CA PRO C 470 -20.43 8.42 -0.98
C PRO C 470 -20.35 9.86 -0.54
N ARG C 471 -19.66 10.66 -1.32
CA ARG C 471 -19.33 12.03 -0.95
C ARG C 471 -20.55 12.85 -0.56
N ARG C 472 -21.65 12.62 -1.27
CA ARG C 472 -22.88 13.44 -1.17
C ARG C 472 -23.48 13.32 0.23
N ASP C 473 -23.36 12.12 0.80
CA ASP C 473 -23.75 11.88 2.19
C ASP C 473 -22.80 12.60 3.13
N CYS C 474 -21.51 12.37 2.96
CA CYS C 474 -20.51 13.03 3.80
C CYS C 474 -20.74 14.53 3.84
N VAL C 475 -21.00 15.14 2.68
CA VAL C 475 -21.25 16.58 2.60
C VAL C 475 -22.53 16.99 3.32
N ALA C 476 -23.57 16.18 3.17
CA ALA C 476 -24.87 16.45 3.79
C ALA C 476 -24.78 16.47 5.31
N GLU C 477 -24.05 15.50 5.87
CA GLU C 477 -23.86 15.44 7.31
C GLU C 477 -22.76 16.40 7.79
N GLY C 478 -22.30 17.31 6.93
CA GLY C 478 -21.33 18.33 7.31
C GLY C 478 -19.87 17.88 7.39
N LYS C 479 -19.60 16.62 7.08
CA LYS C 479 -18.24 16.09 7.15
C LYS C 479 -17.38 16.58 5.99
N VAL C 480 -16.76 17.74 6.14
CA VAL C 480 -15.88 18.32 5.11
C VAL C 480 -14.60 18.89 5.70
N CYS C 481 -13.66 19.25 4.83
CA CYS C 481 -12.36 19.79 5.27
C CYS C 481 -12.53 21.15 5.94
N ASP C 482 -11.95 21.29 7.13
CA ASP C 482 -12.01 22.55 7.87
C ASP C 482 -11.66 23.73 6.96
N PRO C 483 -12.46 24.81 6.99
CA PRO C 483 -12.28 26.00 6.13
C PRO C 483 -10.86 26.52 6.01
N LEU C 484 -10.03 26.27 7.03
CA LEU C 484 -8.66 26.75 7.06
C LEU C 484 -7.71 25.86 6.24
N CYS C 485 -8.19 24.71 5.80
CA CYS C 485 -7.42 23.85 4.91
C CYS C 485 -7.28 24.43 3.53
N SER C 486 -6.16 24.08 2.89
CA SER C 486 -5.94 24.32 1.48
C SER C 486 -6.76 23.32 0.67
N SER C 487 -6.92 23.60 -0.63
CA SER C 487 -7.70 22.73 -1.52
C SER C 487 -7.07 21.33 -1.70
N GLY C 488 -5.91 21.10 -1.09
CA GLY C 488 -5.27 19.78 -1.06
C GLY C 488 -5.96 18.77 -0.15
N GLY C 489 -6.94 19.23 0.62
CA GLY C 489 -7.81 18.33 1.36
C GLY C 489 -7.40 18.15 2.80
N CYS C 490 -7.84 17.04 3.38
CA CYS C 490 -7.68 16.78 4.81
C CYS C 490 -7.79 15.30 5.16
N TRP C 491 -7.32 14.98 6.35
CA TRP C 491 -7.38 13.62 6.87
C TRP C 491 -8.65 13.39 7.66
N GLY C 492 -9.29 14.46 8.10
CA GLY C 492 -10.52 14.36 8.87
C GLY C 492 -11.19 15.71 9.03
N PRO C 493 -11.94 15.89 10.13
CA PRO C 493 -12.53 17.18 10.46
C PRO C 493 -11.58 18.04 11.27
N GLY C 494 -11.76 19.36 11.22
CA GLY C 494 -11.06 20.25 12.13
C GLY C 494 -9.75 20.77 11.59
N PRO C 495 -9.07 21.63 12.39
CA PRO C 495 -7.91 22.39 11.94
C PRO C 495 -6.58 21.64 12.04
N GLY C 496 -6.55 20.59 12.86
CA GLY C 496 -5.35 19.79 13.03
C GLY C 496 -5.14 18.80 11.90
N GLN C 497 -6.22 18.53 11.16
CA GLN C 497 -6.22 17.44 10.17
C GLN C 497 -5.92 17.88 8.75
N CYS C 498 -5.57 19.15 8.54
CA CYS C 498 -5.35 19.65 7.17
C CYS C 498 -4.16 18.95 6.50
N LEU C 499 -4.09 19.07 5.19
CA LEU C 499 -2.93 18.60 4.45
C LEU C 499 -1.88 19.70 4.53
N SER C 500 -2.27 20.89 4.12
CA SER C 500 -1.48 22.10 4.37
C SER C 500 -2.47 23.24 4.53
N CYS C 501 -2.02 24.33 5.15
CA CYS C 501 -2.91 25.41 5.58
C CYS C 501 -2.96 26.57 4.61
N ARG C 502 -4.05 27.33 4.66
CA ARG C 502 -4.20 28.51 3.81
C ARG C 502 -3.38 29.66 4.36
N ASN C 503 -3.57 29.96 5.64
CA ASN C 503 -2.79 30.98 6.33
C ASN C 503 -1.55 30.36 7.00
N TYR C 504 -1.56 30.22 8.32
CA TYR C 504 -0.37 29.80 9.08
C TYR C 504 -0.68 28.53 9.87
N SER C 505 0.37 27.87 10.41
CA SER C 505 0.21 26.62 11.21
C SER C 505 1.06 26.61 12.50
N ARG C 506 0.36 26.52 13.64
CA ARG C 506 0.98 26.54 14.97
C ARG C 506 0.89 25.14 15.57
N GLY C 507 2.01 24.42 15.56
CA GLY C 507 2.07 23.07 16.12
C GLY C 507 1.07 22.13 15.49
N GLY C 508 1.16 21.96 14.18
CA GLY C 508 0.30 21.04 13.43
C GLY C 508 -1.12 21.52 13.16
N VAL C 509 -1.53 22.62 13.81
CA VAL C 509 -2.91 23.10 13.76
C VAL C 509 -3.02 24.44 13.03
N CYS C 510 -3.74 24.46 11.92
CA CYS C 510 -3.82 25.63 11.04
C CYS C 510 -4.58 26.78 11.68
N VAL C 511 -4.03 27.99 11.61
CA VAL C 511 -4.56 29.15 12.35
C VAL C 511 -4.93 30.33 11.42
N THR C 512 -5.73 31.25 11.94
CA THR C 512 -6.12 32.47 11.22
C THR C 512 -5.08 33.59 11.35
N HIS C 513 -4.20 33.50 12.36
CA HIS C 513 -3.16 34.51 12.60
C HIS C 513 -1.92 33.94 13.30
C1 NAG D . -10.85 9.90 16.99
C2 NAG D . -11.56 11.21 16.80
C3 NAG D . -12.10 11.68 18.15
C4 NAG D . -12.79 10.56 18.95
C5 NAG D . -12.24 9.14 18.67
C6 NAG D . -13.26 8.07 18.98
C7 NAG D . -10.67 12.61 15.00
C8 NAG D . -9.58 13.54 14.58
N2 NAG D . -10.60 12.14 16.24
O3 NAG D . -13.00 12.74 17.91
O4 NAG D . -12.63 10.81 20.35
O5 NAG D . -11.84 8.98 17.33
O6 NAG D . -12.66 6.80 18.84
O7 NAG D . -11.58 12.33 14.22
C1 NAG D . -13.88 10.89 21.05
C2 NAG D . -13.73 10.29 22.45
C3 NAG D . -15.04 10.46 23.25
C4 NAG D . -15.56 11.90 23.18
C5 NAG D . -15.55 12.43 21.74
C6 NAG D . -15.91 13.92 21.70
C7 NAG D . -12.14 8.39 22.66
C8 NAG D . -11.99 6.90 22.57
N2 NAG D . -13.37 8.87 22.41
O3 NAG D . -14.85 10.08 24.60
O4 NAG D . -16.87 12.00 23.74
O5 NAG D . -14.28 12.24 21.15
O6 NAG D . -15.52 14.52 20.49
O7 NAG D . -11.15 9.07 22.95
C1 NAG E . 8.26 5.59 25.66
C2 NAG E . 7.88 7.05 25.95
C3 NAG E . 9.06 7.80 26.60
C4 NAG E . 9.72 7.04 27.75
C5 NAG E . 9.96 5.56 27.40
C6 NAG E . 10.36 4.76 28.64
C7 NAG E . 6.17 8.14 24.45
C8 NAG E . 5.96 8.84 23.13
N2 NAG E . 7.43 7.74 24.73
O3 NAG E . 8.67 9.09 27.06
O4 NAG E . 10.96 7.66 28.05
O5 NAG E . 8.78 4.97 26.83
O6 NAG E . 9.29 4.70 29.56
O7 NAG E . 5.19 7.96 25.18
C1 NAG F . -20.15 1.14 15.26
C2 NAG F . -20.93 -0.13 15.59
C3 NAG F . -21.62 -0.68 14.33
C4 NAG F . -22.42 0.40 13.61
C5 NAG F . -21.61 1.68 13.50
C6 NAG F . -22.44 2.81 12.90
C7 NAG F . -20.39 -1.85 17.28
C8 NAG F . -19.40 -2.90 17.71
N2 NAG F . -20.08 -1.17 16.16
O3 NAG F . -22.46 -1.78 14.62
O4 NAG F . -22.78 -0.09 12.33
O5 NAG F . -21.12 2.06 14.78
O6 NAG F . -23.27 3.40 13.88
O7 NAG F . -21.41 -1.65 17.95
#